data_2Y48
#
_entry.id   2Y48
#
_cell.length_a   119.170
_cell.length_b   181.460
_cell.length_c   234.440
_cell.angle_alpha   90.00
_cell.angle_beta   90.00
_cell.angle_gamma   90.00
#
_symmetry.space_group_name_H-M   'I 2 2 2'
#
loop_
_entity.id
_entity.type
_entity.pdbx_description
1 polymer 'LYSINE-SPECIFIC DEMETHYLASE 1A'
2 polymer 'REST COREPRESSOR 1'
3 polymer 'ZINC FINGER PROTEIN SNAI1'
4 non-polymer 'FLAVIN-ADENINE DINUCLEOTIDE'
#
loop_
_entity_poly.entity_id
_entity_poly.type
_entity_poly.pdbx_seq_one_letter_code
_entity_poly.pdbx_strand_id
1 'polypeptide(L)'
;MDESLANLSEDEYYSEEERNAKAEKEKKLPPPPPQAPPEEENESEPEEPSGVEGAAFQSRLPHDRMTSQEAACFPDIISG
PQQTQKVFLFIRNRTLQLWLDNPKIQLTFEATLQQLEAPYNSDTVLVHRVHSYLERHGLINFGIYKRIKPLPTKKTGKVI
IIGSGVSGLAAARQLQSFGMDVTLLEARDRVGGRVATFRKGNYVADLGAMVVTGLGGNPMAVVSKQVNMELAKIKQKCPL
YEANGQAVPKEKDEMVEQEFNRLLEATSYLSHQLDFNVLNNKPVSLGQALEVVIQLQEKHVKDEQIEHWKKIVKTQEELK
ELLNKMVNLKEKIKELHQQYKEASEVKPPRDITAEFLVKSKHRDLTALCKEYDELAETQGKLEEKLQELEANPPSDVYLS
SRDRQILDWHFANLEFANATPLSTLSLKHWDQDDDFEFTGSHLTVRNGYSCVPVALAEGLDIKLNTAVRQVRYTASGCEV
IAVNTRSTSQTFIYKCDAVLCTLPLGVLKQQPPAVQFVPPLPEWKTSAVQRMGFGNLNKVVLCFDRVFWDPSVNLFGHVG
STTASRGELFLFWNLYKAPILLALVAGEAAGIMENISDDVIVGRCLAILKGIFGSSAVPQPKETVVSRWRADPWARGSYS
YVAAGSSGNDYDLMAQPITPGPSIPGAPQPIPRLFFAGEHTIRNYPATVHGALLSGLREAGRIADQFLGAMYTLPRQATP
GVPAQQSPSM
;
A
2 'polypeptide(L)'
;RAKRKPPKGMFLSQEDVEAVSANATAATTVLRQLDMELVSVKRQIQNIKQTNSALKEKLDGGIEPYRLPEVIQKCNARWT
TEEQLLAVQAIRKYGRDFQAISDVIGNKSVVQVKNFFVNYRRRFNIDEVLQEWEAEHGKEETNGPSNQKPVKSPDNSIKM
PEEEDEAPVLDVRYASAS
;
B
3 'polypeptide(L)' PRSFLVRKPSDPNRKPNYSE C
#
loop_
_chem_comp.id
_chem_comp.type
_chem_comp.name
_chem_comp.formula
FAD non-polymer 'FLAVIN-ADENINE DINUCLEOTIDE' 'C27 H33 N9 O15 P2'
#
# COMPACT_ATOMS: atom_id res chain seq x y z
N SER A 50 -18.22 5.59 25.60
CA SER A 50 -19.50 5.06 26.21
C SER A 50 -20.35 6.18 26.84
N GLY A 51 -21.53 5.77 27.31
CA GLY A 51 -22.58 6.70 27.72
C GLY A 51 -23.50 6.94 26.53
N VAL A 52 -24.04 8.15 26.45
CA VAL A 52 -24.88 8.49 25.32
C VAL A 52 -23.98 8.73 24.14
N GLU A 53 -22.74 9.12 24.38
CA GLU A 53 -21.80 9.38 23.28
C GLU A 53 -21.36 8.08 22.58
N GLY A 54 -21.43 6.96 23.31
CA GLY A 54 -21.08 5.65 22.79
C GLY A 54 -22.08 5.22 21.74
N ALA A 55 -23.35 5.38 22.08
CA ALA A 55 -24.48 5.20 21.18
C ALA A 55 -24.34 5.96 19.85
N ALA A 56 -24.07 7.25 19.91
CA ALA A 56 -23.90 8.05 18.71
C ALA A 56 -22.88 7.41 17.78
N PHE A 57 -21.82 6.89 18.40
CA PHE A 57 -20.71 6.36 17.65
C PHE A 57 -21.09 4.98 17.11
N GLN A 58 -21.74 4.19 17.94
CA GLN A 58 -22.11 2.84 17.55
C GLN A 58 -23.28 2.92 16.58
N SER A 59 -23.69 4.14 16.24
CA SER A 59 -24.75 4.38 15.26
C SER A 59 -24.21 5.22 14.12
N ARG A 60 -22.90 5.16 13.93
CA ARG A 60 -22.22 5.88 12.86
C ARG A 60 -22.48 7.39 12.77
N LEU A 61 -22.75 8.05 13.91
CA LEU A 61 -23.04 9.51 13.91
C LEU A 61 -22.18 10.28 14.88
N PRO A 62 -21.75 11.49 14.50
CA PRO A 62 -21.00 12.37 15.41
C PRO A 62 -21.88 12.79 16.56
N HIS A 63 -21.39 12.62 17.79
CA HIS A 63 -22.22 12.81 19.00
C HIS A 63 -22.50 14.25 19.34
N ASP A 64 -21.78 15.17 18.74
CA ASP A 64 -21.86 16.57 19.14
C ASP A 64 -22.04 17.47 17.93
N ARG A 65 -22.63 16.89 16.90
CA ARG A 65 -22.90 17.61 15.68
C ARG A 65 -24.16 17.01 15.08
N MET A 66 -24.93 17.85 14.40
CA MET A 66 -26.08 17.37 13.66
C MET A 66 -25.64 17.08 12.25
N THR A 67 -26.12 15.94 11.72
CA THR A 67 -25.74 15.43 10.40
C THR A 67 -26.47 16.18 9.30
N SER A 68 -26.09 15.91 8.06
CA SER A 68 -26.80 16.47 6.91
C SER A 68 -28.27 16.04 6.83
N GLN A 69 -28.50 14.76 7.04
CA GLN A 69 -29.84 14.23 6.99
C GLN A 69 -30.73 14.73 8.18
N GLU A 70 -30.10 15.16 9.27
CA GLU A 70 -30.80 15.75 10.39
C GLU A 70 -31.17 17.19 10.07
N ALA A 71 -30.25 17.99 9.55
CA ALA A 71 -30.59 19.33 9.09
C ALA A 71 -31.79 19.31 8.16
N ALA A 72 -31.90 18.26 7.37
CA ALA A 72 -32.97 18.16 6.39
C ALA A 72 -34.35 18.09 7.02
N CYS A 73 -34.49 17.29 8.08
CA CYS A 73 -35.77 17.15 8.76
C CYS A 73 -35.99 18.05 9.97
N PHE A 74 -35.01 18.87 10.34
CA PHE A 74 -35.12 19.67 11.55
C PHE A 74 -34.51 21.01 11.27
N PRO A 75 -34.83 21.60 10.12
CA PRO A 75 -34.15 22.84 9.76
C PRO A 75 -34.43 23.92 10.77
N ASP A 76 -35.58 23.83 11.44
CA ASP A 76 -35.95 24.78 12.49
C ASP A 76 -34.90 24.75 13.61
N ILE A 77 -34.49 23.55 14.01
CA ILE A 77 -33.53 23.39 15.10
C ILE A 77 -32.11 23.87 14.79
N ILE A 78 -31.49 23.26 13.79
CA ILE A 78 -30.12 23.53 13.36
C ILE A 78 -29.88 24.95 12.86
N SER A 79 -30.89 25.60 12.31
CA SER A 79 -30.73 26.99 11.91
C SER A 79 -30.95 27.91 13.10
N GLY A 80 -31.27 27.31 14.25
CA GLY A 80 -31.61 28.06 15.45
C GLY A 80 -30.47 28.19 16.44
N PRO A 81 -30.80 28.54 17.70
CA PRO A 81 -29.84 28.71 18.81
C PRO A 81 -29.10 27.43 19.31
N GLN A 82 -27.79 27.60 19.53
CA GLN A 82 -26.88 26.52 19.94
C GLN A 82 -27.40 25.73 21.12
N GLN A 83 -28.27 26.38 21.89
CA GLN A 83 -28.83 25.79 23.09
C GLN A 83 -29.77 24.63 22.71
N THR A 84 -30.67 24.87 21.76
CA THR A 84 -31.65 23.84 21.37
C THR A 84 -30.94 22.64 20.74
N GLN A 85 -29.90 22.94 19.95
CA GLN A 85 -29.16 21.93 19.20
C GLN A 85 -28.65 20.85 20.14
N LYS A 86 -28.15 21.28 21.30
CA LYS A 86 -27.66 20.36 22.32
C LYS A 86 -28.77 19.50 22.89
N VAL A 87 -29.96 20.07 23.01
CA VAL A 87 -31.12 19.31 23.50
C VAL A 87 -31.48 18.24 22.47
N PHE A 88 -31.46 18.66 21.20
CA PHE A 88 -31.73 17.76 20.09
C PHE A 88 -30.74 16.61 20.14
N LEU A 89 -29.47 17.00 20.07
CA LEU A 89 -28.39 16.04 20.06
C LEU A 89 -28.49 15.11 21.25
N PHE A 90 -28.82 15.67 22.43
CA PHE A 90 -28.98 14.81 23.61
C PHE A 90 -30.16 13.84 23.45
N ILE A 91 -31.29 14.36 22.98
CA ILE A 91 -32.46 13.52 22.88
C ILE A 91 -32.17 12.38 21.90
N ARG A 92 -31.60 12.77 20.75
CA ARG A 92 -31.14 11.81 19.74
C ARG A 92 -30.24 10.75 20.36
N ASN A 93 -29.11 11.19 20.93
CA ASN A 93 -28.14 10.26 21.51
C ASN A 93 -28.73 9.36 22.58
N ARG A 94 -29.64 9.90 23.40
CA ARG A 94 -30.19 9.15 24.52
C ARG A 94 -31.15 8.08 24.03
N THR A 95 -31.98 8.44 23.06
CA THR A 95 -32.91 7.46 22.48
C THR A 95 -32.14 6.30 21.87
N LEU A 96 -31.02 6.63 21.22
CA LEU A 96 -30.15 5.62 20.64
C LEU A 96 -29.67 4.62 21.66
N GLN A 97 -28.99 5.13 22.68
CA GLN A 97 -28.50 4.34 23.81
C GLN A 97 -29.57 3.37 24.28
N LEU A 98 -30.78 3.91 24.52
CA LEU A 98 -31.90 3.09 24.95
C LEU A 98 -32.15 1.93 23.99
N TRP A 99 -32.23 2.24 22.69
CA TRP A 99 -32.50 1.20 21.72
C TRP A 99 -31.38 0.19 21.75
N LEU A 100 -30.14 0.68 21.88
CA LEU A 100 -28.97 -0.19 21.79
C LEU A 100 -28.82 -1.12 23.00
N ASP A 101 -28.99 -0.55 24.19
CA ASP A 101 -28.95 -1.31 25.45
C ASP A 101 -29.89 -2.49 25.40
N ASN A 102 -30.94 -2.37 24.60
CA ASN A 102 -31.92 -3.43 24.52
C ASN A 102 -32.56 -3.59 23.15
N PRO A 103 -31.83 -4.15 22.19
CA PRO A 103 -32.32 -4.15 20.82
C PRO A 103 -33.24 -5.32 20.51
N LYS A 104 -33.70 -6.04 21.54
CA LYS A 104 -34.57 -7.19 21.32
C LYS A 104 -36.08 -6.88 21.43
N ILE A 105 -36.40 -5.64 21.78
CA ILE A 105 -37.78 -5.19 21.95
C ILE A 105 -37.99 -3.77 21.43
N GLN A 106 -39.08 -3.56 20.71
CA GLN A 106 -39.39 -2.27 20.09
C GLN A 106 -39.28 -1.14 21.07
N LEU A 107 -38.72 -0.02 20.65
CA LEU A 107 -38.64 1.14 21.51
C LEU A 107 -39.61 2.22 21.06
N THR A 108 -40.59 2.50 21.93
CA THR A 108 -41.73 3.35 21.62
C THR A 108 -41.57 4.77 22.12
N PHE A 109 -42.33 5.68 21.53
CA PHE A 109 -42.29 7.06 21.93
C PHE A 109 -42.57 7.22 23.41
N GLU A 110 -43.57 6.48 23.89
CA GLU A 110 -43.95 6.47 25.31
C GLU A 110 -42.76 6.06 26.14
N ALA A 111 -42.26 4.85 25.92
CA ALA A 111 -41.12 4.32 26.67
C ALA A 111 -39.90 5.26 26.67
N THR A 112 -39.78 6.06 25.60
CA THR A 112 -38.66 6.98 25.45
C THR A 112 -38.81 8.17 26.37
N LEU A 113 -39.98 8.81 26.31
CA LEU A 113 -40.29 9.98 27.13
C LEU A 113 -40.31 9.60 28.60
N GLN A 114 -40.89 8.42 28.87
CA GLN A 114 -40.86 7.81 30.18
C GLN A 114 -39.46 7.90 30.81
N GLN A 115 -38.43 7.48 30.07
CA GLN A 115 -37.04 7.45 30.59
C GLN A 115 -36.20 8.71 30.43
N LEU A 116 -36.78 9.79 29.93
CA LEU A 116 -36.05 11.05 29.79
C LEU A 116 -36.15 11.95 31.02
N GLU A 117 -35.16 12.83 31.20
CA GLU A 117 -35.17 13.81 32.30
C GLU A 117 -35.65 15.18 31.85
N ALA A 118 -35.89 16.07 32.81
CA ALA A 118 -35.98 17.49 32.51
C ALA A 118 -34.54 17.97 32.50
N PRO A 119 -34.24 19.05 31.76
CA PRO A 119 -35.14 19.85 30.92
C PRO A 119 -35.48 19.18 29.57
N TYR A 120 -35.04 17.94 29.38
CA TYR A 120 -35.12 17.29 28.06
C TYR A 120 -36.53 16.78 27.76
N ASN A 121 -37.14 16.09 28.72
CA ASN A 121 -38.52 15.59 28.58
C ASN A 121 -39.60 16.66 28.74
N SER A 122 -39.19 17.93 28.80
CA SER A 122 -40.12 19.03 28.96
C SER A 122 -40.87 19.35 27.66
N ASP A 123 -40.15 19.31 26.53
CA ASP A 123 -40.77 19.52 25.22
C ASP A 123 -41.07 18.19 24.54
N THR A 124 -42.34 17.84 24.45
CA THR A 124 -42.69 16.52 23.94
C THR A 124 -42.94 16.46 22.42
N VAL A 125 -43.12 17.59 21.76
CA VAL A 125 -43.11 17.54 20.29
C VAL A 125 -41.71 17.17 19.78
N LEU A 126 -40.69 17.83 20.32
CA LEU A 126 -39.30 17.49 20.01
C LEU A 126 -39.05 16.00 20.19
N VAL A 127 -39.19 15.50 21.41
CA VAL A 127 -39.02 14.07 21.64
C VAL A 127 -39.78 13.27 20.61
N HIS A 128 -40.98 13.70 20.25
CA HIS A 128 -41.76 12.90 19.31
C HIS A 128 -41.15 12.90 17.93
N ARG A 129 -40.79 14.08 17.42
CA ARG A 129 -40.08 14.19 16.13
C ARG A 129 -38.81 13.35 16.11
N VAL A 130 -37.89 13.64 17.04
CA VAL A 130 -36.64 12.89 17.14
C VAL A 130 -36.92 11.40 17.18
N HIS A 131 -37.83 10.94 18.02
CA HIS A 131 -38.11 9.52 18.01
C HIS A 131 -38.65 9.05 16.68
N SER A 132 -39.48 9.85 16.03
CA SER A 132 -40.10 9.40 14.76
C SER A 132 -39.08 9.28 13.63
N TYR A 133 -38.26 10.32 13.48
CA TYR A 133 -37.06 10.34 12.62
C TYR A 133 -36.20 9.11 12.74
N LEU A 134 -35.77 8.80 13.96
CA LEU A 134 -34.91 7.67 14.18
C LEU A 134 -35.59 6.39 13.76
N GLU A 135 -36.88 6.29 13.98
CA GLU A 135 -37.55 5.05 13.67
C GLU A 135 -37.63 4.85 12.15
N ARG A 136 -37.78 5.97 11.45
CA ARG A 136 -38.07 6.00 10.03
C ARG A 136 -36.84 5.54 9.29
N HIS A 137 -35.67 5.98 9.75
CA HIS A 137 -34.43 5.64 9.10
C HIS A 137 -33.66 4.51 9.70
N GLY A 138 -34.34 3.63 10.44
CA GLY A 138 -33.77 2.35 10.88
C GLY A 138 -32.59 2.48 11.79
N LEU A 139 -32.57 3.55 12.56
CA LEU A 139 -31.53 3.78 13.55
C LEU A 139 -31.93 3.15 14.86
N ILE A 140 -33.24 3.11 15.09
CA ILE A 140 -33.83 2.35 16.18
C ILE A 140 -34.89 1.45 15.56
N ASN A 141 -35.16 0.31 16.20
CA ASN A 141 -36.20 -0.62 15.73
C ASN A 141 -35.99 -1.06 14.29
N PHE A 142 -34.86 -1.72 14.06
CA PHE A 142 -34.58 -2.41 12.81
C PHE A 142 -34.17 -3.82 13.15
N GLY A 143 -34.28 -4.73 12.20
CA GLY A 143 -33.82 -6.07 12.46
C GLY A 143 -34.94 -6.96 12.92
N ILE A 144 -34.69 -7.72 14.00
CA ILE A 144 -35.66 -8.66 14.52
C ILE A 144 -35.93 -8.35 15.99
N TYR A 145 -37.06 -7.68 16.24
CA TYR A 145 -37.45 -7.30 17.60
C TYR A 145 -38.85 -7.81 17.94
N LYS A 146 -39.20 -7.78 19.23
CA LYS A 146 -40.56 -8.11 19.66
C LYS A 146 -41.36 -6.82 19.72
N ARG A 147 -42.37 -6.73 18.86
CA ARG A 147 -43.19 -5.55 18.75
C ARG A 147 -44.12 -5.46 19.94
N ILE A 148 -44.19 -4.30 20.58
CA ILE A 148 -45.18 -4.12 21.66
C ILE A 148 -46.59 -3.97 21.07
N LYS A 149 -46.76 -3.03 20.14
CA LYS A 149 -48.06 -2.68 19.55
C LYS A 149 -48.43 -3.53 18.31
N PRO A 150 -48.98 -4.76 18.50
CA PRO A 150 -49.20 -5.64 17.34
C PRO A 150 -49.70 -4.91 16.08
N LEU A 151 -49.39 -5.49 14.92
CA LEU A 151 -49.43 -4.79 13.64
C LEU A 151 -50.77 -4.22 13.18
N PRO A 152 -50.87 -2.87 13.16
CA PRO A 152 -51.93 -2.07 12.54
C PRO A 152 -52.60 -2.80 11.39
N THR A 153 -53.92 -2.96 11.54
CA THR A 153 -54.71 -3.99 10.86
C THR A 153 -54.68 -3.94 9.31
N LYS A 154 -54.77 -2.72 8.75
CA LYS A 154 -54.80 -2.52 7.31
C LYS A 154 -53.61 -1.69 6.84
N LYS A 155 -53.11 -2.04 5.65
CA LYS A 155 -51.89 -1.52 5.10
C LYS A 155 -52.12 -0.37 4.13
N THR A 156 -51.11 0.44 3.95
CA THR A 156 -51.18 1.58 3.09
C THR A 156 -50.08 1.47 2.06
N GLY A 157 -50.42 1.50 0.78
CA GLY A 157 -49.43 1.46 -0.29
C GLY A 157 -48.85 0.06 -0.50
N LYS A 158 -48.34 -0.19 -1.70
CA LYS A 158 -47.83 -1.50 -2.08
C LYS A 158 -46.48 -1.47 -2.83
N VAL A 159 -45.49 -2.21 -2.29
CA VAL A 159 -44.12 -2.25 -2.84
C VAL A 159 -43.71 -3.65 -3.24
N ILE A 160 -43.19 -3.75 -4.45
CA ILE A 160 -42.51 -4.93 -4.92
C ILE A 160 -41.02 -4.72 -4.76
N ILE A 161 -40.36 -5.69 -4.14
CA ILE A 161 -38.91 -5.70 -3.93
C ILE A 161 -38.22 -6.83 -4.69
N ILE A 162 -37.41 -6.48 -5.70
CA ILE A 162 -36.65 -7.45 -6.45
C ILE A 162 -35.40 -7.91 -5.68
N GLY A 163 -35.28 -9.21 -5.48
CA GLY A 163 -34.19 -9.86 -4.76
C GLY A 163 -34.42 -9.96 -3.26
N SER A 164 -34.13 -11.12 -2.66
CA SER A 164 -34.08 -11.24 -1.19
C SER A 164 -32.65 -11.43 -0.66
N GLY A 165 -31.69 -10.68 -1.25
CA GLY A 165 -30.43 -10.40 -0.58
C GLY A 165 -30.66 -9.72 0.77
N VAL A 166 -29.59 -9.44 1.49
CA VAL A 166 -29.76 -8.81 2.79
C VAL A 166 -30.33 -7.41 2.55
N SER A 167 -29.92 -6.73 1.48
CA SER A 167 -30.45 -5.39 1.28
C SER A 167 -31.99 -5.40 1.11
N GLY A 168 -32.48 -6.24 0.20
CA GLY A 168 -33.91 -6.55 0.11
C GLY A 168 -34.52 -6.85 1.50
N LEU A 169 -34.18 -8.00 2.09
CA LEU A 169 -34.75 -8.37 3.37
C LEU A 169 -34.76 -7.20 4.32
N ALA A 170 -33.63 -6.53 4.49
CA ALA A 170 -33.62 -5.46 5.47
C ALA A 170 -34.72 -4.44 5.15
N ALA A 171 -34.84 -4.05 3.86
CA ALA A 171 -35.80 -3.02 3.47
C ALA A 171 -37.23 -3.51 3.64
N ALA A 172 -37.53 -4.70 3.09
CA ALA A 172 -38.80 -5.37 3.29
C ALA A 172 -39.29 -5.23 4.74
N ARG A 173 -38.54 -5.75 5.70
CA ARG A 173 -38.95 -5.65 7.09
C ARG A 173 -39.37 -4.26 7.49
N GLN A 174 -38.57 -3.26 7.13
CA GLN A 174 -38.86 -1.91 7.56
C GLN A 174 -40.20 -1.48 7.01
N LEU A 175 -40.35 -1.65 5.69
CA LEU A 175 -41.56 -1.24 5.01
C LEU A 175 -42.74 -1.87 5.71
N GLN A 176 -42.76 -3.21 5.77
CA GLN A 176 -43.77 -3.91 6.56
C GLN A 176 -43.99 -3.31 7.95
N SER A 177 -42.91 -3.01 8.67
CA SER A 177 -43.05 -2.34 9.96
C SER A 177 -43.78 -1.02 9.85
N PHE A 178 -43.58 -0.27 8.78
CA PHE A 178 -44.30 0.99 8.65
C PHE A 178 -45.71 0.75 8.13
N GLY A 179 -46.07 -0.52 7.99
CA GLY A 179 -47.40 -0.90 7.53
C GLY A 179 -47.63 -0.67 6.06
N MET A 180 -46.79 -1.25 5.21
CA MET A 180 -47.02 -1.19 3.79
C MET A 180 -47.17 -2.61 3.31
N ASP A 181 -47.65 -2.79 2.10
CA ASP A 181 -47.78 -4.12 1.56
C ASP A 181 -46.50 -4.40 0.77
N VAL A 182 -45.77 -5.39 1.24
CA VAL A 182 -44.47 -5.69 0.69
C VAL A 182 -44.42 -7.12 0.16
N THR A 183 -43.88 -7.27 -1.05
CA THR A 183 -43.64 -8.58 -1.63
C THR A 183 -42.26 -8.63 -2.30
N LEU A 184 -41.49 -9.67 -1.99
CA LEU A 184 -40.16 -9.86 -2.56
C LEU A 184 -40.16 -10.94 -3.63
N LEU A 185 -39.50 -10.63 -4.74
CA LEU A 185 -39.30 -11.60 -5.79
C LEU A 185 -37.82 -12.06 -5.83
N GLU A 186 -37.61 -13.36 -5.72
CA GLU A 186 -36.29 -13.92 -5.63
C GLU A 186 -36.15 -14.98 -6.67
N ALA A 187 -35.09 -14.92 -7.47
CA ALA A 187 -34.84 -15.91 -8.54
C ALA A 187 -34.37 -17.25 -7.97
N ARG A 188 -33.54 -17.19 -6.94
CA ARG A 188 -33.04 -18.39 -6.29
C ARG A 188 -34.13 -19.14 -5.53
N ASP A 189 -33.83 -20.38 -5.14
CA ASP A 189 -34.68 -21.20 -4.26
C ASP A 189 -34.33 -21.03 -2.80
N ARG A 190 -33.61 -19.97 -2.45
CA ARG A 190 -33.35 -19.63 -1.04
C ARG A 190 -33.22 -18.14 -0.92
N VAL A 191 -33.32 -17.64 0.31
CA VAL A 191 -32.98 -16.24 0.59
C VAL A 191 -31.47 -16.00 0.75
N GLY A 192 -31.08 -14.72 0.83
CA GLY A 192 -29.74 -14.33 1.28
C GLY A 192 -28.74 -14.12 0.16
N GLY A 193 -29.10 -14.52 -1.05
CA GLY A 193 -28.28 -14.20 -2.21
C GLY A 193 -26.79 -14.47 -2.05
N ARG A 194 -26.02 -13.40 -1.91
CA ARG A 194 -24.56 -13.52 -1.82
C ARG A 194 -24.09 -13.89 -0.42
N VAL A 195 -24.98 -13.94 0.55
CA VAL A 195 -24.71 -14.62 1.80
C VAL A 195 -25.15 -16.07 1.61
N ALA A 196 -24.30 -16.88 0.99
CA ALA A 196 -24.52 -18.31 0.82
C ALA A 196 -23.76 -19.11 1.89
N THR A 197 -24.30 -20.25 2.30
CA THR A 197 -23.71 -21.10 3.35
C THR A 197 -23.90 -22.58 3.06
N PHE A 198 -22.80 -23.30 2.99
CA PHE A 198 -22.81 -24.72 2.68
C PHE A 198 -23.07 -25.51 3.94
N ARG A 199 -24.01 -26.44 3.86
CA ARG A 199 -24.42 -27.28 4.98
C ARG A 199 -24.64 -28.69 4.50
N LYS A 200 -24.20 -29.63 5.33
CA LYS A 200 -24.20 -31.06 5.04
C LYS A 200 -23.59 -31.71 6.28
N GLY A 201 -24.37 -32.53 6.96
CA GLY A 201 -23.93 -33.16 8.19
C GLY A 201 -23.67 -32.08 9.22
N ASN A 202 -22.45 -32.04 9.74
CA ASN A 202 -22.06 -31.01 10.69
C ASN A 202 -21.12 -30.05 10.03
N TYR A 203 -20.84 -30.31 8.75
CA TYR A 203 -20.04 -29.41 7.96
C TYR A 203 -20.84 -28.14 7.69
N VAL A 204 -20.20 -26.99 7.92
CA VAL A 204 -20.84 -25.67 7.77
C VAL A 204 -19.79 -24.68 7.29
N ALA A 205 -19.91 -24.19 6.07
CA ALA A 205 -18.95 -23.22 5.54
C ALA A 205 -19.59 -22.21 4.58
N ASP A 206 -19.30 -20.92 4.71
CA ASP A 206 -19.85 -19.93 3.77
C ASP A 206 -19.12 -19.87 2.44
N LEU A 207 -19.86 -19.78 1.35
CA LEU A 207 -19.25 -19.55 0.06
C LEU A 207 -19.34 -18.10 -0.36
N GLY A 208 -19.98 -17.30 0.49
CA GLY A 208 -20.17 -15.89 0.22
C GLY A 208 -19.57 -15.09 1.33
N ALA A 209 -20.28 -14.07 1.79
CA ALA A 209 -19.84 -13.30 2.95
C ALA A 209 -19.44 -14.23 4.11
N MET A 210 -18.34 -13.91 4.77
CA MET A 210 -17.77 -14.80 5.78
C MET A 210 -17.34 -14.05 7.02
N VAL A 211 -16.97 -12.80 6.87
CA VAL A 211 -16.38 -12.09 7.99
C VAL A 211 -17.20 -10.89 8.42
N VAL A 212 -17.42 -10.76 9.72
CA VAL A 212 -17.95 -9.52 10.27
C VAL A 212 -16.72 -8.63 10.54
N THR A 213 -16.63 -7.49 9.86
CA THR A 213 -15.39 -6.75 9.92
C THR A 213 -15.37 -5.77 11.07
N GLY A 214 -15.55 -6.31 12.28
CA GLY A 214 -15.42 -5.52 13.52
C GLY A 214 -16.76 -4.97 13.98
N LEU A 215 -17.06 -5.07 15.28
CA LEU A 215 -18.36 -4.61 15.79
C LEU A 215 -18.51 -3.12 16.10
N GLY A 216 -17.42 -2.37 16.06
CA GLY A 216 -17.47 -0.99 16.51
C GLY A 216 -18.16 -0.02 15.58
N GLY A 217 -19.48 0.05 15.62
CA GLY A 217 -20.22 0.94 14.74
C GLY A 217 -20.96 0.14 13.69
N ASN A 218 -20.82 -1.17 13.77
CA ASN A 218 -21.35 -2.05 12.78
C ASN A 218 -22.80 -2.39 13.15
N PRO A 219 -23.75 -2.13 12.22
CA PRO A 219 -25.12 -2.55 12.45
C PRO A 219 -25.19 -4.02 12.82
N MET A 220 -24.29 -4.84 12.28
CA MET A 220 -24.35 -6.26 12.54
C MET A 220 -24.12 -6.60 14.01
N ALA A 221 -23.54 -5.66 14.74
CA ALA A 221 -23.44 -5.74 16.18
C ALA A 221 -24.83 -5.91 16.77
N VAL A 222 -25.76 -5.02 16.42
CA VAL A 222 -27.15 -5.13 16.89
C VAL A 222 -27.79 -6.41 16.41
N VAL A 223 -27.60 -6.75 15.15
CA VAL A 223 -28.24 -7.95 14.63
C VAL A 223 -27.82 -9.21 15.38
N SER A 224 -26.57 -9.27 15.84
CA SER A 224 -26.07 -10.47 16.51
C SER A 224 -26.64 -10.60 17.92
N LYS A 225 -26.99 -9.49 18.54
CA LYS A 225 -27.74 -9.57 19.79
C LYS A 225 -29.18 -10.03 19.53
N GLN A 226 -29.68 -9.82 18.32
CA GLN A 226 -31.05 -10.21 17.99
C GLN A 226 -31.14 -11.65 17.52
N VAL A 227 -30.02 -12.20 17.07
CA VAL A 227 -29.97 -13.49 16.38
C VAL A 227 -28.77 -14.29 16.85
N ASN A 228 -28.99 -15.56 17.17
CA ASN A 228 -27.88 -16.46 17.49
C ASN A 228 -26.96 -16.68 16.25
N MET A 229 -25.94 -15.83 16.13
CA MET A 229 -24.78 -16.16 15.32
C MET A 229 -23.70 -16.40 16.35
N GLU A 230 -22.87 -17.41 16.12
CA GLU A 230 -21.76 -17.71 17.01
C GLU A 230 -20.58 -16.93 16.49
N LEU A 231 -20.23 -15.86 17.19
CA LEU A 231 -19.18 -14.99 16.68
C LEU A 231 -17.79 -15.30 17.28
N ALA A 232 -16.91 -15.79 16.42
CA ALA A 232 -15.56 -16.18 16.82
C ALA A 232 -14.53 -15.19 16.28
N LYS A 233 -13.59 -14.79 17.14
CA LYS A 233 -12.51 -13.88 16.73
C LYS A 233 -11.55 -14.58 15.79
N ILE A 234 -10.98 -13.81 14.87
CA ILE A 234 -9.97 -14.31 13.97
C ILE A 234 -8.63 -13.88 14.50
N LYS A 235 -7.72 -14.83 14.66
CA LYS A 235 -6.39 -14.52 15.13
C LYS A 235 -5.56 -14.03 13.95
N GLN A 236 -4.95 -12.88 14.13
CA GLN A 236 -4.25 -12.15 13.09
C GLN A 236 -3.12 -12.90 12.36
N LYS A 237 -2.53 -13.90 13.02
CA LYS A 237 -1.29 -14.55 12.56
C LYS A 237 -1.47 -15.39 11.30
N CYS A 238 -0.60 -15.15 10.31
CA CYS A 238 -0.70 -15.82 9.01
C CYS A 238 0.66 -16.26 8.51
N PRO A 239 1.03 -17.54 8.75
CA PRO A 239 2.25 -18.09 8.15
C PRO A 239 2.16 -18.28 6.64
N LEU A 240 3.18 -17.85 5.91
CA LEU A 240 3.27 -18.15 4.48
C LEU A 240 4.07 -19.42 4.24
N TYR A 241 3.96 -19.99 3.05
CA TYR A 241 4.66 -21.20 2.72
C TYR A 241 4.98 -21.21 1.26
N GLU A 242 6.25 -20.95 0.91
CA GLU A 242 6.69 -20.96 -0.51
C GLU A 242 6.29 -22.20 -1.29
N ALA A 243 6.54 -22.15 -2.59
CA ALA A 243 6.13 -23.22 -3.48
C ALA A 243 6.60 -24.60 -3.03
N ASN A 244 7.85 -24.66 -2.55
CA ASN A 244 8.50 -25.92 -2.12
C ASN A 244 7.79 -26.64 -0.96
N GLY A 245 7.22 -25.87 -0.04
CA GLY A 245 6.53 -26.41 1.12
C GLY A 245 7.09 -25.92 2.43
N GLN A 246 7.94 -24.90 2.37
CA GLN A 246 8.66 -24.46 3.55
C GLN A 246 8.32 -23.03 3.94
N ALA A 247 8.09 -22.84 5.24
CA ALA A 247 7.86 -21.52 5.79
C ALA A 247 8.85 -20.50 5.24
N VAL A 248 8.34 -19.38 4.78
CA VAL A 248 9.15 -18.18 4.64
C VAL A 248 9.57 -17.83 6.07
N PRO A 249 10.86 -17.55 6.28
CA PRO A 249 11.44 -17.27 7.61
C PRO A 249 11.25 -15.83 8.10
N LYS A 250 11.03 -15.67 9.42
CA LYS A 250 10.62 -14.38 10.04
C LYS A 250 11.36 -13.14 9.55
N GLU A 251 12.63 -13.29 9.19
CA GLU A 251 13.42 -12.16 8.72
C GLU A 251 12.84 -11.62 7.42
N LYS A 252 12.57 -12.53 6.49
CA LYS A 252 12.03 -12.25 5.15
C LYS A 252 10.57 -11.87 5.22
N ASP A 253 9.79 -12.80 5.76
CA ASP A 253 8.39 -12.59 6.05
C ASP A 253 8.17 -11.16 6.47
N GLU A 254 8.98 -10.64 7.38
CA GLU A 254 8.75 -9.31 7.90
C GLU A 254 9.23 -8.20 7.01
N MET A 255 10.20 -8.46 6.14
CA MET A 255 10.79 -7.38 5.36
C MET A 255 10.14 -7.22 4.00
N VAL A 256 9.41 -8.24 3.58
CA VAL A 256 8.63 -8.17 2.34
C VAL A 256 7.30 -7.49 2.62
N GLU A 257 6.61 -7.97 3.65
CA GLU A 257 5.42 -7.35 4.14
C GLU A 257 5.64 -5.86 4.26
N GLN A 258 6.61 -5.49 5.08
CA GLN A 258 6.88 -4.09 5.39
C GLN A 258 7.16 -3.27 4.12
N GLU A 259 7.71 -3.92 3.10
CA GLU A 259 7.91 -3.27 1.82
C GLU A 259 6.58 -3.10 1.11
N PHE A 260 5.74 -4.13 1.17
CA PHE A 260 4.37 -4.05 0.63
C PHE A 260 3.64 -2.81 1.14
N ASN A 261 3.60 -2.66 2.45
CA ASN A 261 2.92 -1.52 3.04
C ASN A 261 3.54 -0.20 2.67
N ARG A 262 4.87 -0.23 2.51
CA ARG A 262 5.64 0.93 2.11
C ARG A 262 5.27 1.29 0.66
N LEU A 263 5.12 0.25 -0.16
CA LEU A 263 4.68 0.38 -1.55
C LEU A 263 3.22 0.89 -1.74
N LEU A 264 2.29 0.47 -0.90
CA LEU A 264 0.96 1.06 -0.92
C LEU A 264 1.05 2.54 -0.64
N GLU A 265 1.56 2.92 0.54
CA GLU A 265 1.67 4.34 0.91
C GLU A 265 2.28 5.19 -0.17
N ALA A 266 3.22 4.59 -0.89
CA ALA A 266 3.90 5.24 -2.00
C ALA A 266 2.92 5.63 -3.10
N THR A 267 2.02 4.70 -3.44
CA THR A 267 1.07 4.94 -4.52
C THR A 267 0.14 6.07 -4.09
N SER A 268 -0.29 6.03 -2.84
CA SER A 268 -1.07 7.10 -2.29
C SER A 268 -0.36 8.44 -2.41
N TYR A 269 0.96 8.45 -2.21
CA TYR A 269 1.75 9.65 -2.37
C TYR A 269 1.85 10.09 -3.84
N LEU A 270 1.98 9.15 -4.77
CA LEU A 270 1.91 9.48 -6.18
C LEU A 270 0.60 10.15 -6.53
N SER A 271 -0.47 9.69 -5.88
CA SER A 271 -1.77 10.12 -6.26
C SER A 271 -2.03 11.52 -5.74
N HIS A 272 -1.96 11.68 -4.42
CA HIS A 272 -2.39 12.91 -3.78
C HIS A 272 -1.38 14.06 -3.86
N GLN A 273 -0.11 13.77 -3.61
CA GLN A 273 0.95 14.79 -3.66
C GLN A 273 1.54 14.99 -5.03
N LEU A 274 1.80 13.92 -5.77
CA LEU A 274 2.37 14.09 -7.09
C LEU A 274 1.36 14.32 -8.22
N ASP A 275 0.09 14.02 -7.95
CA ASP A 275 -1.02 14.14 -8.92
C ASP A 275 -0.88 13.21 -10.16
N PHE A 276 -0.34 12.02 -9.97
CA PHE A 276 -0.11 11.10 -11.07
C PHE A 276 -1.39 10.28 -11.32
N ASN A 277 -2.36 10.85 -12.01
CA ASN A 277 -3.67 10.22 -12.09
C ASN A 277 -4.22 9.99 -13.47
N VAL A 278 -3.66 10.68 -14.46
CA VAL A 278 -3.98 10.37 -15.85
C VAL A 278 -2.71 10.00 -16.59
N LEU A 279 -2.82 9.04 -17.51
CA LEU A 279 -1.66 8.58 -18.27
C LEU A 279 -2.08 8.20 -19.68
N ASN A 280 -1.87 9.14 -20.62
CA ASN A 280 -2.36 9.04 -22.00
C ASN A 280 -3.88 9.04 -22.05
N ASN A 281 -4.50 9.88 -21.25
CA ASN A 281 -5.97 9.95 -21.21
C ASN A 281 -6.67 8.84 -20.42
N LYS A 282 -6.10 7.63 -20.44
CA LYS A 282 -6.57 6.58 -19.56
C LYS A 282 -6.29 7.04 -18.12
N PRO A 283 -7.19 6.73 -17.19
CA PRO A 283 -6.91 6.97 -15.78
C PRO A 283 -6.02 5.86 -15.21
N VAL A 284 -5.14 6.23 -14.27
CA VAL A 284 -4.13 5.33 -13.75
C VAL A 284 -4.74 4.35 -12.80
N SER A 285 -4.44 3.08 -12.99
CA SER A 285 -4.85 2.06 -12.02
C SER A 285 -3.84 1.91 -10.88
N LEU A 286 -4.25 1.20 -9.85
CA LEU A 286 -3.36 0.85 -8.73
C LEU A 286 -2.25 -0.06 -9.20
N GLY A 287 -2.57 -1.05 -10.02
CA GLY A 287 -1.57 -1.93 -10.62
C GLY A 287 -0.47 -1.16 -11.33
N GLN A 288 -0.83 -0.31 -12.28
CA GLN A 288 0.14 0.52 -12.96
C GLN A 288 1.02 1.28 -12.00
N ALA A 289 0.41 1.98 -11.04
CA ALA A 289 1.13 2.76 -10.04
C ALA A 289 2.10 1.92 -9.23
N LEU A 290 1.70 0.72 -8.84
CA LEU A 290 2.63 -0.13 -8.14
C LEU A 290 3.88 -0.45 -8.98
N GLU A 291 3.68 -0.76 -10.28
CA GLU A 291 4.82 -0.93 -11.20
C GLU A 291 5.68 0.32 -11.22
N VAL A 292 5.09 1.45 -11.56
CA VAL A 292 5.84 2.69 -11.57
C VAL A 292 6.58 2.99 -10.26
N VAL A 293 6.12 2.45 -9.14
CA VAL A 293 6.83 2.69 -7.90
C VAL A 293 7.96 1.70 -7.77
N ILE A 294 7.70 0.43 -8.08
CA ILE A 294 8.73 -0.62 -8.04
C ILE A 294 9.88 -0.29 -8.99
N GLN A 295 9.54 0.13 -10.20
CA GLN A 295 10.53 0.63 -11.14
C GLN A 295 11.38 1.69 -10.47
N LEU A 296 10.77 2.78 -10.04
CA LEU A 296 11.54 3.83 -9.39
C LEU A 296 12.33 3.36 -8.17
N GLN A 297 12.01 2.19 -7.63
CA GLN A 297 12.81 1.67 -6.54
C GLN A 297 13.97 0.87 -7.08
N GLU A 298 13.76 0.22 -8.22
CA GLU A 298 14.85 -0.47 -8.89
C GLU A 298 15.87 0.54 -9.42
N LYS A 299 15.36 1.55 -10.15
CA LYS A 299 16.18 2.61 -10.67
C LYS A 299 17.08 3.18 -9.59
N HIS A 300 16.50 3.56 -8.48
CA HIS A 300 17.32 4.11 -7.41
C HIS A 300 18.33 3.10 -6.87
N VAL A 301 18.01 1.81 -6.81
CA VAL A 301 19.01 0.82 -6.37
C VAL A 301 20.27 0.90 -7.25
N LYS A 302 20.08 0.94 -8.57
CA LYS A 302 21.16 1.13 -9.54
C LYS A 302 21.81 2.50 -9.42
N ASP A 303 21.04 3.58 -9.55
CA ASP A 303 21.53 4.92 -9.24
C ASP A 303 22.54 4.98 -8.09
N GLU A 304 22.34 4.17 -7.04
CA GLU A 304 23.20 4.15 -5.86
C GLU A 304 24.50 3.46 -6.17
N GLN A 305 24.40 2.27 -6.73
CA GLN A 305 25.58 1.53 -7.13
C GLN A 305 26.50 2.37 -8.01
N ILE A 306 25.93 2.96 -9.05
CA ILE A 306 26.66 3.86 -9.90
C ILE A 306 27.49 4.87 -9.10
N GLU A 307 26.87 5.75 -8.30
CA GLU A 307 27.69 6.74 -7.59
C GLU A 307 28.65 6.15 -6.52
N HIS A 308 28.45 4.88 -6.14
CA HIS A 308 29.36 4.24 -5.20
C HIS A 308 30.64 3.81 -5.89
N TRP A 309 30.52 3.07 -6.99
CA TRP A 309 31.67 2.76 -7.84
C TRP A 309 32.28 4.03 -8.46
N LYS A 310 31.45 5.02 -8.78
CA LYS A 310 31.97 6.28 -9.29
C LYS A 310 32.88 6.97 -8.27
N LYS A 311 32.79 6.54 -7.02
CA LYS A 311 33.63 7.07 -5.95
C LYS A 311 34.88 6.22 -5.84
N ILE A 312 34.79 4.96 -6.23
CA ILE A 312 35.97 4.15 -6.26
C ILE A 312 36.92 4.63 -7.38
N VAL A 313 36.44 4.73 -8.62
CA VAL A 313 37.28 5.28 -9.69
C VAL A 313 37.83 6.68 -9.40
N LYS A 314 37.08 7.56 -8.74
CA LYS A 314 37.65 8.86 -8.40
C LYS A 314 38.86 8.73 -7.48
N THR A 315 38.83 7.70 -6.63
CA THR A 315 39.87 7.49 -5.63
C THR A 315 40.96 6.54 -6.15
N GLN A 316 40.54 5.44 -6.79
CA GLN A 316 41.48 4.57 -7.46
C GLN A 316 42.24 5.30 -8.56
N GLU A 317 41.87 6.54 -8.84
CA GLU A 317 42.50 7.28 -9.92
C GLU A 317 43.25 8.49 -9.42
N GLU A 318 42.97 8.88 -8.20
CA GLU A 318 43.85 9.80 -7.51
C GLU A 318 45.08 8.99 -7.18
N LEU A 319 44.89 7.70 -6.90
CA LEU A 319 45.98 6.80 -6.59
C LEU A 319 46.93 6.67 -7.76
N LYS A 320 46.42 6.33 -8.94
CA LYS A 320 47.22 6.28 -10.15
C LYS A 320 48.14 7.51 -10.25
N GLU A 321 47.56 8.71 -10.31
CA GLU A 321 48.37 9.91 -10.42
C GLU A 321 49.44 10.07 -9.35
N LEU A 322 49.21 9.51 -8.17
CA LEU A 322 50.18 9.58 -7.08
C LEU A 322 51.29 8.58 -7.29
N LEU A 323 50.95 7.37 -7.73
CA LEU A 323 51.97 6.35 -7.96
C LEU A 323 52.89 6.72 -9.13
N ASN A 324 52.34 7.41 -10.13
CA ASN A 324 53.15 7.95 -11.21
C ASN A 324 54.14 8.95 -10.69
N LYS A 325 53.69 9.83 -9.81
CA LYS A 325 54.60 10.74 -9.14
C LYS A 325 55.62 9.96 -8.31
N MET A 326 55.21 8.90 -7.63
CA MET A 326 56.14 8.10 -6.85
C MET A 326 57.15 7.31 -7.69
N VAL A 327 56.70 6.67 -8.76
CA VAL A 327 57.65 5.97 -9.66
C VAL A 327 58.68 6.92 -10.28
N ASN A 328 58.26 8.14 -10.60
CA ASN A 328 59.18 9.15 -11.15
C ASN A 328 60.14 9.72 -10.12
N LEU A 329 59.79 9.63 -8.84
CA LEU A 329 60.68 10.10 -7.81
C LEU A 329 61.66 9.01 -7.44
N LYS A 330 61.18 7.79 -7.23
CA LYS A 330 62.09 6.68 -7.01
C LYS A 330 63.07 6.62 -8.19
N GLU A 331 62.75 7.29 -9.28
CA GLU A 331 63.63 7.28 -10.43
C GLU A 331 64.77 8.23 -10.23
N LYS A 332 64.44 9.48 -9.90
CA LYS A 332 65.42 10.53 -9.77
C LYS A 332 66.27 10.30 -8.54
N ILE A 333 65.68 9.69 -7.52
CA ILE A 333 66.43 9.28 -6.34
C ILE A 333 67.49 8.26 -6.72
N LYS A 334 67.08 7.22 -7.44
CA LYS A 334 67.99 6.16 -7.87
C LYS A 334 69.24 6.73 -8.52
N GLU A 335 69.01 7.65 -9.46
CA GLU A 335 70.06 8.27 -10.26
C GLU A 335 70.89 9.26 -9.44
N LEU A 336 70.25 9.98 -8.52
CA LEU A 336 70.91 10.96 -7.68
C LEU A 336 71.82 10.32 -6.67
N HIS A 337 71.54 9.07 -6.34
CA HIS A 337 72.37 8.33 -5.41
C HIS A 337 73.67 7.97 -6.10
N GLN A 338 73.57 7.42 -7.30
CA GLN A 338 74.73 7.14 -8.14
C GLN A 338 75.65 8.37 -8.19
N GLN A 339 75.07 9.53 -8.48
CA GLN A 339 75.81 10.77 -8.53
C GLN A 339 76.57 11.04 -7.24
N TYR A 340 75.87 11.06 -6.11
CA TYR A 340 76.50 11.26 -4.80
C TYR A 340 77.49 10.18 -4.45
N LYS A 341 77.18 8.92 -4.76
CA LYS A 341 78.14 7.85 -4.61
C LYS A 341 79.46 8.22 -5.32
N GLU A 342 79.38 8.48 -6.63
CA GLU A 342 80.53 8.87 -7.45
C GLU A 342 81.28 10.09 -6.93
N ALA A 343 80.59 10.96 -6.22
CA ALA A 343 81.24 12.15 -5.72
C ALA A 343 82.03 11.85 -4.45
N SER A 344 81.65 10.81 -3.72
CA SER A 344 82.41 10.40 -2.52
C SER A 344 83.55 9.44 -2.82
N GLU A 345 83.52 8.81 -4.01
CA GLU A 345 84.63 7.97 -4.45
C GLU A 345 85.89 8.80 -4.66
N VAL A 346 85.74 10.05 -5.13
CA VAL A 346 86.83 11.04 -5.14
C VAL A 346 87.37 11.19 -3.73
N LYS A 347 88.41 10.42 -3.42
CA LYS A 347 89.02 10.38 -2.11
C LYS A 347 89.68 11.72 -1.81
N PRO A 348 89.69 12.12 -0.55
CA PRO A 348 90.38 13.34 -0.21
C PRO A 348 91.89 13.19 -0.43
N PRO A 349 92.65 14.31 -0.37
CA PRO A 349 92.15 15.67 -0.11
C PRO A 349 91.52 16.27 -1.37
N ARG A 350 90.42 17.01 -1.24
CA ARG A 350 89.80 17.63 -2.43
C ARG A 350 89.63 19.14 -2.31
N ASP A 351 89.49 19.82 -3.44
CA ASP A 351 89.30 21.28 -3.39
C ASP A 351 87.87 21.60 -2.97
N ILE A 352 87.49 22.86 -2.92
CA ILE A 352 86.20 23.16 -2.33
C ILE A 352 84.99 22.80 -3.19
N THR A 353 85.03 23.07 -4.50
CA THR A 353 83.94 22.67 -5.37
C THR A 353 83.67 21.16 -5.31
N ALA A 354 84.73 20.37 -5.30
CA ALA A 354 84.60 18.94 -5.16
C ALA A 354 83.94 18.55 -3.84
N GLU A 355 84.12 19.41 -2.82
CA GLU A 355 83.59 19.14 -1.47
C GLU A 355 82.13 19.56 -1.43
N PHE A 356 81.85 20.73 -1.98
CA PHE A 356 80.50 21.21 -2.22
C PHE A 356 79.66 20.17 -2.95
N LEU A 357 80.17 19.63 -4.06
CA LEU A 357 79.43 18.62 -4.81
C LEU A 357 78.91 17.54 -3.89
N VAL A 358 79.79 16.84 -3.19
CA VAL A 358 79.34 15.82 -2.24
C VAL A 358 78.25 16.38 -1.35
N LYS A 359 78.49 17.55 -0.77
CA LYS A 359 77.54 18.17 0.16
C LYS A 359 76.21 18.52 -0.51
N SER A 360 76.26 19.19 -1.65
CA SER A 360 75.07 19.51 -2.41
C SER A 360 74.28 18.23 -2.68
N LYS A 361 74.79 17.34 -3.53
CA LYS A 361 74.11 16.07 -3.79
C LYS A 361 73.58 15.44 -2.51
N HIS A 362 74.22 15.66 -1.37
CA HIS A 362 73.70 15.11 -0.13
C HIS A 362 72.39 15.75 0.28
N ARG A 363 72.36 17.07 0.35
CA ARG A 363 71.13 17.80 0.62
C ARG A 363 70.05 17.42 -0.41
N ASP A 364 70.35 17.67 -1.68
CA ASP A 364 69.43 17.33 -2.76
C ASP A 364 68.83 15.95 -2.59
N LEU A 365 69.62 14.99 -2.15
CA LEU A 365 69.09 13.65 -2.03
C LEU A 365 68.15 13.50 -0.84
N THR A 366 68.47 14.10 0.31
CA THR A 366 67.58 13.94 1.47
C THR A 366 66.26 14.71 1.31
N ALA A 367 66.30 15.82 0.59
CA ALA A 367 65.08 16.55 0.19
C ALA A 367 64.14 15.68 -0.66
N LEU A 368 64.69 15.00 -1.67
CA LEU A 368 63.90 14.10 -2.48
C LEU A 368 63.55 12.85 -1.71
N CYS A 369 64.16 12.64 -0.54
CA CYS A 369 63.75 11.51 0.28
C CYS A 369 62.74 11.97 1.31
N LYS A 370 62.64 13.29 1.45
CA LYS A 370 61.60 13.91 2.25
C LYS A 370 60.29 13.65 1.50
N GLU A 371 60.23 14.16 0.26
CA GLU A 371 59.03 14.02 -0.55
C GLU A 371 58.56 12.58 -0.68
N TYR A 372 59.35 11.70 -1.29
CA TYR A 372 58.91 10.31 -1.44
C TYR A 372 58.54 9.68 -0.10
N ASP A 373 58.75 10.39 1.00
CA ASP A 373 58.25 9.88 2.28
C ASP A 373 56.86 10.38 2.66
N GLU A 374 56.61 11.67 2.35
CA GLU A 374 55.27 12.26 2.43
C GLU A 374 54.27 11.59 1.48
N LEU A 375 54.75 11.14 0.33
CA LEU A 375 53.92 10.45 -0.63
C LEU A 375 53.55 9.05 -0.20
N ALA A 376 54.47 8.34 0.45
CA ALA A 376 54.15 7.01 0.96
C ALA A 376 53.13 7.10 2.08
N GLU A 377 53.08 8.28 2.70
CA GLU A 377 52.10 8.64 3.72
C GLU A 377 50.73 8.71 3.06
N THR A 378 50.55 9.70 2.19
CA THR A 378 49.39 9.82 1.33
C THR A 378 48.97 8.48 0.73
N GLN A 379 49.87 7.80 0.01
CA GLN A 379 49.54 6.47 -0.51
C GLN A 379 48.85 5.60 0.54
N GLY A 380 49.35 5.65 1.78
CA GLY A 380 48.81 4.83 2.86
C GLY A 380 47.38 5.19 3.26
N LYS A 381 47.04 6.47 3.16
CA LYS A 381 45.68 6.97 3.41
C LYS A 381 44.69 6.46 2.37
N LEU A 382 44.89 6.85 1.11
CA LEU A 382 44.07 6.35 0.01
C LEU A 382 43.98 4.84 0.06
N GLU A 383 45.11 4.15 0.06
CA GLU A 383 45.14 2.68 -0.03
C GLU A 383 44.13 1.98 0.90
N GLU A 384 43.83 2.61 2.03
CA GLU A 384 42.87 2.06 3.01
C GLU A 384 41.47 2.66 2.85
N LYS A 385 41.42 3.95 2.54
CA LYS A 385 40.19 4.65 2.21
C LYS A 385 39.50 4.01 0.99
N LEU A 386 40.14 2.99 0.43
CA LEU A 386 39.59 2.21 -0.68
C LEU A 386 39.14 0.83 -0.19
N GLN A 387 39.70 0.37 0.92
CA GLN A 387 39.19 -0.82 1.58
C GLN A 387 37.99 -0.42 2.43
N GLU A 388 37.90 0.89 2.70
CA GLU A 388 36.70 1.50 3.23
C GLU A 388 35.56 1.24 2.25
N LEU A 389 35.56 2.00 1.16
CA LEU A 389 34.47 2.01 0.20
C LEU A 389 34.15 0.62 -0.33
N GLU A 390 35.17 -0.16 -0.66
CA GLU A 390 34.97 -1.50 -1.24
C GLU A 390 34.37 -2.53 -0.28
N ALA A 391 34.33 -2.20 1.02
CA ALA A 391 33.88 -3.16 2.03
C ALA A 391 32.41 -2.99 2.44
N ASN A 392 31.90 -1.76 2.37
CA ASN A 392 30.46 -1.53 2.59
C ASN A 392 29.72 -1.12 1.30
N PRO A 393 29.41 -2.12 0.44
CA PRO A 393 28.76 -1.78 -0.81
C PRO A 393 27.26 -1.55 -0.59
N PRO A 394 26.65 -0.62 -1.33
CA PRO A 394 25.21 -0.50 -1.30
C PRO A 394 24.50 -1.75 -1.85
N SER A 395 23.18 -1.80 -1.66
CA SER A 395 22.32 -2.91 -2.07
C SER A 395 22.59 -3.48 -3.45
N ASP A 396 22.71 -4.81 -3.47
CA ASP A 396 22.91 -5.59 -4.69
C ASP A 396 21.75 -5.42 -5.69
N VAL A 397 20.53 -5.62 -5.18
CA VAL A 397 19.26 -5.65 -5.91
C VAL A 397 18.16 -5.02 -5.05
N TYR A 398 17.08 -4.54 -5.69
CA TYR A 398 15.91 -4.09 -4.93
C TYR A 398 15.14 -5.25 -4.27
N LEU A 399 14.82 -6.29 -5.04
CA LEU A 399 14.17 -7.48 -4.51
C LEU A 399 14.56 -8.66 -5.36
N SER A 400 14.89 -9.79 -4.73
CA SER A 400 15.29 -10.99 -5.46
C SER A 400 14.08 -11.70 -6.04
N SER A 401 14.31 -12.80 -6.75
CA SER A 401 13.21 -13.56 -7.31
C SER A 401 12.33 -14.19 -6.24
N ARG A 402 12.96 -14.65 -5.18
CA ARG A 402 12.22 -15.21 -4.06
C ARG A 402 11.46 -14.07 -3.39
N ASP A 403 12.13 -12.94 -3.15
CA ASP A 403 11.49 -11.78 -2.54
C ASP A 403 10.23 -11.41 -3.31
N ARG A 404 10.42 -11.03 -4.56
CA ARG A 404 9.38 -10.63 -5.50
C ARG A 404 8.20 -11.62 -5.57
N GLN A 405 8.49 -12.90 -5.44
CA GLN A 405 7.43 -13.91 -5.34
C GLN A 405 6.60 -13.83 -4.06
N ILE A 406 7.20 -13.46 -2.95
CA ILE A 406 6.45 -13.30 -1.72
C ILE A 406 5.67 -11.98 -1.75
N LEU A 407 6.23 -10.94 -2.33
CA LEU A 407 5.50 -9.69 -2.54
C LEU A 407 4.26 -9.98 -3.37
N ASP A 408 4.35 -10.97 -4.25
CA ASP A 408 3.18 -11.27 -5.07
C ASP A 408 2.04 -11.77 -4.26
N TRP A 409 2.33 -12.53 -3.21
CA TRP A 409 1.28 -13.03 -2.34
C TRP A 409 0.61 -11.86 -1.63
N HIS A 410 1.39 -10.87 -1.22
CA HIS A 410 0.78 -9.67 -0.68
C HIS A 410 -0.14 -8.99 -1.68
N PHE A 411 0.27 -8.88 -2.95
CA PHE A 411 -0.65 -8.38 -3.94
C PHE A 411 -1.87 -9.28 -4.11
N ALA A 412 -1.70 -10.58 -4.02
CA ALA A 412 -2.88 -11.47 -4.03
C ALA A 412 -3.82 -11.10 -2.91
N ASN A 413 -3.26 -10.83 -1.74
CA ASN A 413 -4.07 -10.43 -0.62
C ASN A 413 -4.94 -9.25 -1.01
N LEU A 414 -4.33 -8.21 -1.55
CA LEU A 414 -5.04 -7.04 -2.06
C LEU A 414 -6.06 -7.35 -3.17
N GLU A 415 -5.69 -8.19 -4.14
CA GLU A 415 -6.65 -8.58 -5.20
C GLU A 415 -7.81 -9.37 -4.63
N PHE A 416 -7.59 -10.02 -3.49
CA PHE A 416 -8.69 -10.70 -2.80
C PHE A 416 -9.55 -9.67 -2.09
N ALA A 417 -8.95 -8.80 -1.31
CA ALA A 417 -9.72 -7.79 -0.62
C ALA A 417 -10.60 -6.96 -1.58
N ASN A 418 -10.12 -6.70 -2.79
CA ASN A 418 -10.89 -5.90 -3.72
C ASN A 418 -11.60 -6.71 -4.75
N ALA A 419 -11.56 -8.02 -4.57
CA ALA A 419 -12.12 -8.92 -5.58
C ALA A 419 -11.80 -8.54 -7.03
N THR A 420 -10.55 -8.21 -7.34
CA THR A 420 -10.14 -7.91 -8.71
C THR A 420 -8.63 -7.68 -8.91
N PRO A 421 -8.07 -8.00 -10.12
CA PRO A 421 -6.80 -7.51 -10.66
C PRO A 421 -6.50 -6.06 -10.34
N LEU A 422 -5.37 -5.80 -9.67
CA LEU A 422 -4.99 -4.43 -9.30
C LEU A 422 -4.92 -3.52 -10.50
N SER A 423 -4.97 -4.08 -11.70
CA SER A 423 -4.88 -3.25 -12.86
C SER A 423 -6.22 -2.62 -13.18
N THR A 424 -7.28 -3.11 -12.53
CA THR A 424 -8.63 -2.56 -12.73
C THR A 424 -9.02 -1.52 -11.67
N LEU A 425 -8.37 -1.52 -10.49
CA LEU A 425 -8.73 -0.60 -9.38
C LEU A 425 -8.41 0.84 -9.66
N SER A 426 -9.16 1.76 -9.10
CA SER A 426 -8.80 3.14 -9.26
C SER A 426 -7.70 3.51 -8.29
N LEU A 427 -6.65 4.16 -8.80
CA LEU A 427 -5.59 4.67 -7.92
C LEU A 427 -6.21 5.68 -6.96
N LYS A 428 -6.73 6.78 -7.49
CA LYS A 428 -7.23 7.80 -6.56
C LYS A 428 -8.21 7.23 -5.52
N HIS A 429 -9.07 6.30 -5.93
CA HIS A 429 -10.27 6.00 -5.13
C HIS A 429 -10.46 4.60 -4.60
N TRP A 430 -9.66 3.65 -5.01
CA TRP A 430 -9.90 2.30 -4.57
C TRP A 430 -10.20 2.16 -3.10
N ASP A 431 -9.63 2.99 -2.27
CA ASP A 431 -9.80 2.87 -0.82
C ASP A 431 -10.61 4.02 -0.25
N GLN A 432 -11.43 4.69 -1.08
CA GLN A 432 -12.26 5.81 -0.64
C GLN A 432 -13.16 5.53 0.56
N ASP A 433 -13.41 4.27 0.86
CA ASP A 433 -14.31 4.00 1.93
C ASP A 433 -13.60 3.85 3.27
N ASP A 434 -12.32 4.26 3.31
CA ASP A 434 -11.41 4.00 4.44
C ASP A 434 -11.80 4.60 5.78
N ASP A 435 -12.22 5.86 5.75
CA ASP A 435 -12.59 6.52 6.99
C ASP A 435 -13.69 5.84 7.79
N PHE A 436 -14.42 4.93 7.18
CA PHE A 436 -15.62 4.49 7.83
C PHE A 436 -15.47 3.10 8.35
N GLU A 437 -14.25 2.56 8.28
CA GLU A 437 -13.89 1.23 8.79
C GLU A 437 -14.38 1.06 10.21
N PHE A 438 -14.93 -0.09 10.53
CA PHE A 438 -15.31 -0.33 11.91
C PHE A 438 -14.07 -0.59 12.80
N THR A 439 -14.26 -0.63 14.12
CA THR A 439 -13.17 -0.91 15.05
C THR A 439 -13.41 -2.23 15.76
N GLY A 440 -12.34 -2.93 16.13
CA GLY A 440 -12.50 -4.22 16.83
C GLY A 440 -12.14 -5.41 15.97
N SER A 441 -12.00 -6.58 16.57
CA SER A 441 -11.42 -7.68 15.81
C SER A 441 -12.45 -8.18 14.85
N HIS A 442 -12.02 -8.49 13.63
CA HIS A 442 -12.86 -9.16 12.68
C HIS A 442 -13.32 -10.46 13.29
N LEU A 443 -14.48 -10.95 12.84
CA LEU A 443 -15.08 -12.15 13.38
C LEU A 443 -15.57 -13.04 12.28
N THR A 444 -15.79 -14.30 12.60
CA THR A 444 -16.47 -15.18 11.65
C THR A 444 -17.73 -15.69 12.26
N VAL A 445 -18.62 -16.18 11.41
CA VAL A 445 -19.91 -16.62 11.87
C VAL A 445 -19.84 -18.13 11.92
N ARG A 446 -19.67 -18.65 13.13
CA ARG A 446 -19.27 -20.04 13.28
C ARG A 446 -20.41 -20.98 12.90
N ASN A 447 -21.63 -20.58 13.21
CA ASN A 447 -22.82 -21.36 12.81
C ASN A 447 -23.22 -21.16 11.34
N GLY A 448 -22.48 -20.34 10.60
CA GLY A 448 -22.73 -20.07 9.17
C GLY A 448 -23.47 -18.76 9.04
N TYR A 449 -23.17 -17.98 8.01
CA TYR A 449 -23.77 -16.65 7.85
C TYR A 449 -25.26 -16.71 7.46
N SER A 450 -25.65 -17.75 6.73
CA SER A 450 -27.01 -17.82 6.19
C SER A 450 -27.98 -17.61 7.32
N CYS A 451 -27.60 -18.07 8.51
CA CYS A 451 -28.43 -17.90 9.70
C CYS A 451 -29.08 -16.51 9.84
N VAL A 452 -28.50 -15.48 9.21
CA VAL A 452 -29.00 -14.09 9.28
C VAL A 452 -30.11 -13.70 8.28
N PRO A 453 -29.87 -13.88 6.95
CA PRO A 453 -30.95 -13.81 6.02
C PRO A 453 -32.14 -14.60 6.50
N VAL A 454 -31.94 -15.88 6.78
CA VAL A 454 -33.05 -16.73 7.16
C VAL A 454 -33.84 -16.10 8.32
N ALA A 455 -33.17 -15.73 9.39
CA ALA A 455 -33.81 -14.99 10.47
C ALA A 455 -34.65 -13.79 9.98
N LEU A 456 -34.11 -13.00 9.03
CA LEU A 456 -34.75 -11.75 8.61
C LEU A 456 -35.93 -12.05 7.71
N ALA A 457 -35.86 -13.17 7.00
CA ALA A 457 -36.90 -13.57 6.05
C ALA A 457 -38.19 -13.98 6.78
N GLU A 458 -38.11 -14.12 8.10
CA GLU A 458 -39.21 -14.65 8.85
C GLU A 458 -40.33 -13.62 8.94
N GLY A 459 -41.50 -14.01 8.43
CA GLY A 459 -42.71 -13.17 8.44
C GLY A 459 -42.93 -12.40 7.15
N LEU A 460 -42.32 -12.83 6.05
CA LEU A 460 -42.27 -11.97 4.88
C LEU A 460 -42.76 -12.65 3.64
N ASP A 461 -43.37 -11.86 2.76
CA ASP A 461 -43.95 -12.42 1.57
C ASP A 461 -42.88 -12.64 0.51
N ILE A 462 -42.28 -13.81 0.50
CA ILE A 462 -41.16 -14.01 -0.40
C ILE A 462 -41.55 -15.01 -1.45
N LYS A 463 -41.52 -14.62 -2.73
CA LYS A 463 -41.78 -15.58 -3.80
C LYS A 463 -40.46 -16.14 -4.31
N LEU A 464 -40.09 -17.36 -3.94
CA LEU A 464 -38.81 -17.94 -4.43
C LEU A 464 -38.98 -18.46 -5.85
N ASN A 465 -37.89 -18.68 -6.57
CA ASN A 465 -37.94 -19.22 -7.93
C ASN A 465 -38.70 -18.36 -8.90
N THR A 466 -38.55 -17.05 -8.77
CA THR A 466 -39.33 -16.06 -9.51
C THR A 466 -38.37 -15.02 -10.12
N ALA A 467 -38.07 -15.17 -11.39
CA ALA A 467 -37.03 -14.33 -11.99
C ALA A 467 -37.60 -13.10 -12.69
N VAL A 468 -37.44 -11.93 -12.09
CA VAL A 468 -37.85 -10.72 -12.78
C VAL A 468 -37.27 -10.57 -14.22
N ARG A 469 -38.11 -10.21 -15.18
CA ARG A 469 -37.63 -10.08 -16.53
C ARG A 469 -37.78 -8.67 -17.03
N GLN A 470 -38.80 -7.99 -16.53
CA GLN A 470 -39.11 -6.64 -16.95
C GLN A 470 -39.64 -5.78 -15.80
N VAL A 471 -39.19 -4.54 -15.76
CA VAL A 471 -39.71 -3.58 -14.82
C VAL A 471 -40.24 -2.39 -15.63
N ARG A 472 -41.52 -2.10 -15.38
CA ARG A 472 -42.34 -1.11 -16.08
C ARG A 472 -42.83 -0.17 -15.02
N TYR A 473 -42.47 1.10 -15.11
CA TYR A 473 -42.80 2.11 -14.10
C TYR A 473 -43.28 3.34 -14.89
N THR A 474 -44.36 3.93 -14.40
CA THR A 474 -45.03 5.04 -15.09
C THR A 474 -45.70 5.89 -14.02
N ALA A 475 -46.11 7.08 -14.45
CA ALA A 475 -46.66 8.10 -13.56
C ALA A 475 -47.72 7.65 -12.54
N SER A 476 -48.35 6.50 -12.77
CA SER A 476 -49.47 6.02 -11.94
C SER A 476 -49.11 4.73 -11.22
N GLY A 477 -47.94 4.19 -11.57
CA GLY A 477 -47.50 2.97 -10.94
C GLY A 477 -46.64 2.12 -11.83
N CYS A 478 -46.39 0.89 -11.34
CA CYS A 478 -45.39 0.02 -11.91
C CYS A 478 -45.95 -1.35 -11.99
N GLU A 479 -45.52 -2.05 -13.02
CA GLU A 479 -45.68 -3.49 -13.03
C GLU A 479 -44.36 -4.15 -13.22
N VAL A 480 -44.22 -5.26 -12.50
CA VAL A 480 -43.05 -6.11 -12.59
C VAL A 480 -43.48 -7.41 -13.23
N ILE A 481 -42.81 -7.78 -14.33
CA ILE A 481 -43.02 -9.10 -14.95
C ILE A 481 -41.92 -10.10 -14.62
N ALA A 482 -42.27 -11.13 -13.85
CA ALA A 482 -41.38 -12.22 -13.50
C ALA A 482 -41.78 -13.55 -14.17
N VAL A 483 -40.94 -14.57 -14.11
CA VAL A 483 -41.31 -15.92 -14.54
C VAL A 483 -40.89 -16.94 -13.49
N ASN A 484 -41.31 -18.19 -13.69
CA ASN A 484 -40.94 -19.33 -12.83
C ASN A 484 -39.66 -19.98 -13.35
N THR A 485 -38.62 -19.99 -12.53
CA THR A 485 -37.30 -20.46 -12.99
C THR A 485 -37.35 -21.93 -13.38
N ARG A 486 -38.24 -22.68 -12.74
CA ARG A 486 -38.43 -24.10 -13.01
C ARG A 486 -39.09 -24.40 -14.36
N SER A 487 -40.31 -23.87 -14.61
CA SER A 487 -40.88 -23.87 -15.98
C SER A 487 -41.05 -22.44 -16.52
N THR A 488 -40.14 -22.07 -17.41
CA THR A 488 -39.83 -20.66 -17.64
C THR A 488 -40.76 -19.95 -18.62
N SER A 489 -41.98 -20.46 -18.77
CA SER A 489 -42.94 -19.82 -19.65
C SER A 489 -44.20 -19.53 -18.86
N GLN A 490 -44.25 -20.09 -17.66
CA GLN A 490 -45.25 -19.81 -16.66
C GLN A 490 -45.07 -18.38 -16.04
N THR A 491 -45.68 -17.36 -16.67
CA THR A 491 -45.50 -15.92 -16.36
C THR A 491 -46.29 -15.28 -15.18
N PHE A 492 -45.74 -14.20 -14.62
CA PHE A 492 -46.38 -13.47 -13.51
C PHE A 492 -46.35 -11.95 -13.71
N ILE A 493 -47.35 -11.27 -13.16
CA ILE A 493 -47.39 -9.83 -13.23
C ILE A 493 -47.68 -9.25 -11.87
N TYR A 494 -46.89 -8.23 -11.49
CA TYR A 494 -47.03 -7.57 -10.22
C TYR A 494 -47.25 -6.07 -10.38
N LYS A 495 -48.30 -5.59 -9.74
CA LYS A 495 -48.71 -4.21 -9.89
C LYS A 495 -48.42 -3.56 -8.54
N CYS A 496 -47.71 -2.43 -8.54
CA CYS A 496 -47.39 -1.74 -7.28
C CYS A 496 -47.20 -0.23 -7.46
N ASP A 497 -47.34 0.48 -6.34
CA ASP A 497 -46.97 1.90 -6.22
C ASP A 497 -45.47 2.21 -6.49
N ALA A 498 -44.57 1.28 -6.12
CA ALA A 498 -43.12 1.50 -6.16
C ALA A 498 -42.34 0.19 -6.26
N VAL A 499 -41.25 0.19 -7.03
CA VAL A 499 -40.30 -0.94 -7.04
C VAL A 499 -38.94 -0.62 -6.39
N LEU A 500 -38.54 -1.46 -5.44
CA LEU A 500 -37.20 -1.40 -4.92
C LEU A 500 -36.37 -2.45 -5.60
N CYS A 501 -35.38 -2.02 -6.36
CA CYS A 501 -34.57 -2.93 -7.13
C CYS A 501 -33.28 -3.21 -6.36
N THR A 502 -33.01 -4.48 -6.02
CA THR A 502 -31.77 -4.80 -5.31
C THR A 502 -30.88 -5.77 -6.11
N LEU A 503 -31.11 -5.78 -7.40
CA LEU A 503 -30.31 -6.55 -8.36
C LEU A 503 -28.83 -6.27 -8.13
N PRO A 504 -28.00 -7.32 -8.16
CA PRO A 504 -26.57 -7.17 -8.11
C PRO A 504 -26.08 -6.41 -9.31
N LEU A 505 -24.98 -5.68 -9.12
CA LEU A 505 -24.50 -4.80 -10.17
C LEU A 505 -24.01 -5.63 -11.35
N GLY A 506 -23.59 -6.85 -11.05
CA GLY A 506 -23.16 -7.78 -12.09
C GLY A 506 -24.32 -8.05 -13.01
N VAL A 507 -25.49 -8.23 -12.40
CA VAL A 507 -26.75 -8.42 -13.08
C VAL A 507 -27.07 -7.15 -13.86
N LEU A 508 -27.15 -6.01 -13.17
CA LEU A 508 -27.49 -4.76 -13.84
C LEU A 508 -26.59 -4.47 -15.04
N LYS A 509 -25.47 -5.16 -15.13
CA LYS A 509 -24.48 -4.90 -16.17
C LYS A 509 -24.67 -5.75 -17.41
N GLN A 510 -25.40 -6.89 -17.29
CA GLN A 510 -25.47 -7.90 -18.34
C GLN A 510 -25.72 -7.29 -19.72
N GLN A 511 -24.87 -7.68 -20.67
CA GLN A 511 -25.15 -7.38 -22.07
C GLN A 511 -25.11 -8.66 -22.93
N PRO A 512 -26.29 -9.04 -23.46
CA PRO A 512 -27.52 -8.22 -23.39
C PRO A 512 -28.36 -8.51 -22.14
N PRO A 513 -29.20 -7.53 -21.73
CA PRO A 513 -29.89 -7.36 -20.45
C PRO A 513 -30.57 -8.61 -19.94
N ALA A 514 -30.44 -8.93 -18.69
CA ALA A 514 -31.28 -9.99 -18.17
C ALA A 514 -32.58 -9.39 -17.65
N VAL A 515 -32.59 -8.11 -17.27
CA VAL A 515 -33.81 -7.41 -16.88
C VAL A 515 -33.96 -6.18 -17.74
N GLN A 516 -35.18 -5.97 -18.23
CA GLN A 516 -35.48 -4.84 -19.10
C GLN A 516 -36.20 -3.77 -18.30
N PHE A 517 -35.74 -2.55 -18.42
CA PHE A 517 -36.47 -1.45 -17.84
C PHE A 517 -37.27 -0.72 -18.91
N VAL A 518 -38.55 -0.52 -18.59
CA VAL A 518 -39.48 0.17 -19.44
C VAL A 518 -40.10 1.32 -18.64
N PRO A 519 -39.73 2.59 -19.00
CA PRO A 519 -38.75 2.93 -20.08
C PRO A 519 -37.29 2.69 -19.66
N PRO A 520 -36.36 2.73 -20.62
CA PRO A 520 -34.97 2.43 -20.25
C PRO A 520 -34.51 3.44 -19.20
N LEU A 521 -33.57 3.01 -18.36
CA LEU A 521 -33.01 3.87 -17.33
C LEU A 521 -32.32 5.02 -18.02
N PRO A 522 -32.31 6.20 -17.39
CA PRO A 522 -31.68 7.36 -17.97
C PRO A 522 -30.20 7.15 -18.13
N GLU A 523 -29.61 7.78 -19.13
CA GLU A 523 -28.19 7.59 -19.38
C GLU A 523 -27.28 7.86 -18.15
N TRP A 524 -27.61 8.87 -17.34
CA TRP A 524 -26.83 9.07 -16.12
C TRP A 524 -26.70 7.83 -15.25
N LYS A 525 -27.73 6.98 -15.26
CA LYS A 525 -27.69 5.81 -14.43
C LYS A 525 -26.90 4.71 -15.14
N THR A 526 -27.12 4.53 -16.43
CA THR A 526 -26.49 3.40 -17.12
C THR A 526 -24.99 3.61 -17.28
N SER A 527 -24.56 4.88 -17.30
CA SER A 527 -23.13 5.20 -17.33
C SER A 527 -22.49 4.90 -15.99
N ALA A 528 -23.22 5.10 -14.89
CA ALA A 528 -22.73 4.72 -13.58
C ALA A 528 -22.55 3.23 -13.58
N VAL A 529 -23.51 2.50 -14.12
CA VAL A 529 -23.44 1.05 -14.10
C VAL A 529 -22.21 0.58 -14.87
N GLN A 530 -21.99 1.19 -16.03
CA GLN A 530 -20.87 0.80 -16.84
C GLN A 530 -19.54 1.11 -16.20
N ARG A 531 -19.37 2.35 -15.74
CA ARG A 531 -18.14 2.79 -15.06
C ARG A 531 -17.75 1.94 -13.88
N MET A 532 -18.69 1.69 -12.97
CA MET A 532 -18.41 0.94 -11.74
C MET A 532 -17.80 -0.44 -12.00
N GLY A 533 -17.09 -0.98 -11.03
CA GLY A 533 -16.48 -2.26 -11.20
C GLY A 533 -17.21 -3.33 -10.42
N PHE A 534 -17.36 -4.52 -11.02
CA PHE A 534 -17.95 -5.63 -10.30
C PHE A 534 -17.03 -6.82 -10.36
N GLY A 535 -16.30 -7.03 -9.27
CA GLY A 535 -15.30 -8.07 -9.24
C GLY A 535 -15.81 -9.45 -8.95
N ASN A 536 -14.88 -10.31 -8.58
CA ASN A 536 -15.06 -11.76 -8.55
C ASN A 536 -14.00 -12.32 -7.63
N LEU A 537 -14.35 -13.33 -6.84
CA LEU A 537 -13.48 -13.93 -5.85
C LEU A 537 -14.08 -15.26 -5.51
N ASN A 538 -13.32 -16.35 -5.50
CA ASN A 538 -13.93 -17.67 -5.24
C ASN A 538 -13.47 -18.50 -4.04
N LYS A 539 -14.25 -19.50 -3.66
CA LYS A 539 -13.88 -20.29 -2.48
C LYS A 539 -13.85 -21.77 -2.81
N VAL A 540 -12.89 -22.48 -2.20
CA VAL A 540 -12.90 -23.94 -2.24
C VAL A 540 -13.06 -24.48 -0.84
N VAL A 541 -14.11 -25.29 -0.65
CA VAL A 541 -14.38 -25.85 0.67
C VAL A 541 -13.88 -27.28 0.73
N LEU A 542 -13.03 -27.54 1.73
CA LEU A 542 -12.41 -28.84 1.96
C LEU A 542 -12.86 -29.42 3.30
N CYS A 543 -13.53 -30.57 3.22
CA CYS A 543 -14.08 -31.24 4.41
C CYS A 543 -13.34 -32.53 4.80
N PHE A 544 -12.76 -32.52 5.98
CA PHE A 544 -11.92 -33.63 6.39
C PHE A 544 -12.44 -34.35 7.64
N ASP A 545 -11.96 -35.59 7.82
CA ASP A 545 -12.22 -36.40 9.02
C ASP A 545 -11.37 -35.95 10.22
N ARG A 546 -10.33 -35.16 9.94
CA ARG A 546 -9.38 -34.74 10.99
C ARG A 546 -8.52 -33.50 10.70
N VAL A 547 -8.35 -32.70 11.75
CA VAL A 547 -7.40 -31.59 11.79
C VAL A 547 -5.96 -32.06 11.58
N PHE A 548 -5.36 -31.71 10.45
CA PHE A 548 -3.93 -31.98 10.26
C PHE A 548 -3.11 -30.70 10.16
N TRP A 549 -3.71 -29.60 10.60
CA TRP A 549 -3.11 -28.27 10.54
C TRP A 549 -2.98 -27.78 11.96
N ASP A 550 -2.28 -26.68 12.14
CA ASP A 550 -2.08 -26.13 13.47
C ASP A 550 -3.39 -25.49 13.93
N PRO A 551 -4.13 -26.18 14.80
CA PRO A 551 -5.47 -25.81 15.26
C PRO A 551 -5.58 -24.41 15.81
N SER A 552 -4.46 -23.82 16.21
CA SER A 552 -4.47 -22.49 16.82
C SER A 552 -4.11 -21.42 15.79
N VAL A 553 -4.13 -21.82 14.53
CA VAL A 553 -3.90 -20.91 13.44
C VAL A 553 -5.14 -20.87 12.57
N ASN A 554 -5.65 -19.67 12.33
CA ASN A 554 -6.89 -19.52 11.57
C ASN A 554 -6.70 -19.43 10.07
N LEU A 555 -5.59 -18.82 9.66
CA LEU A 555 -5.32 -18.67 8.24
C LEU A 555 -3.83 -18.76 7.92
N PHE A 556 -3.51 -19.49 6.86
CA PHE A 556 -2.15 -19.60 6.41
C PHE A 556 -2.03 -19.48 4.91
N GLY A 557 -1.11 -18.63 4.46
CA GLY A 557 -0.94 -18.41 3.03
C GLY A 557 -0.17 -19.52 2.33
N HIS A 558 -0.17 -19.46 1.00
CA HIS A 558 0.70 -20.24 0.16
C HIS A 558 1.17 -19.31 -0.93
N VAL A 559 2.46 -19.35 -1.23
CA VAL A 559 3.05 -18.49 -2.27
C VAL A 559 3.09 -19.21 -3.60
N GLY A 560 2.54 -18.60 -4.64
CA GLY A 560 2.54 -19.21 -5.98
C GLY A 560 3.93 -19.25 -6.61
N SER A 561 4.01 -19.65 -7.88
CA SER A 561 5.30 -19.67 -8.59
C SER A 561 5.48 -18.39 -9.38
N THR A 562 4.38 -17.93 -9.97
CA THR A 562 4.44 -16.85 -10.95
C THR A 562 3.53 -15.70 -10.55
N THR A 563 3.81 -14.51 -11.06
CA THR A 563 2.91 -13.39 -10.90
C THR A 563 1.55 -13.81 -11.43
N ALA A 564 1.56 -14.42 -12.61
CA ALA A 564 0.31 -14.79 -13.28
C ALA A 564 -0.58 -15.58 -12.37
N SER A 565 0.00 -16.35 -11.46
CA SER A 565 -0.87 -17.18 -10.65
C SER A 565 -0.84 -16.85 -9.17
N ARG A 566 -0.56 -15.59 -8.83
CA ARG A 566 -0.50 -15.24 -7.41
C ARG A 566 -1.80 -15.53 -6.68
N GLY A 567 -2.93 -15.41 -7.38
CA GLY A 567 -4.26 -15.61 -6.78
C GLY A 567 -4.63 -17.05 -6.44
N GLU A 568 -4.06 -17.99 -7.17
CA GLU A 568 -4.56 -19.35 -7.18
C GLU A 568 -4.31 -20.11 -5.87
N LEU A 569 -5.36 -20.28 -5.09
CA LEU A 569 -5.28 -20.99 -3.83
C LEU A 569 -4.22 -20.40 -2.89
N PHE A 570 -4.11 -19.08 -2.94
CA PHE A 570 -3.09 -18.35 -2.20
C PHE A 570 -3.36 -18.23 -0.69
N LEU A 571 -4.53 -18.65 -0.22
CA LEU A 571 -4.86 -18.44 1.19
C LEU A 571 -5.81 -19.52 1.72
N PHE A 572 -5.64 -19.90 2.98
CA PHE A 572 -6.44 -21.01 3.54
C PHE A 572 -7.01 -20.62 4.89
N TRP A 573 -8.31 -20.89 5.09
CA TRP A 573 -8.94 -20.54 6.37
C TRP A 573 -9.36 -21.76 7.16
N ASN A 574 -9.01 -21.72 8.43
CA ASN A 574 -9.47 -22.65 9.45
C ASN A 574 -10.36 -21.86 10.43
N LEU A 575 -11.68 -21.95 10.25
CA LEU A 575 -12.60 -21.12 11.05
C LEU A 575 -13.65 -21.86 11.85
N TYR A 576 -13.98 -23.06 11.39
CA TYR A 576 -15.20 -23.72 11.84
C TYR A 576 -14.98 -24.78 12.92
N LYS A 577 -16.06 -25.21 13.57
CA LYS A 577 -16.02 -26.25 14.60
C LYS A 577 -15.56 -27.57 14.00
N ALA A 578 -16.19 -27.97 12.89
CA ALA A 578 -15.74 -29.12 12.13
C ALA A 578 -14.33 -28.92 11.55
N PRO A 579 -13.68 -30.00 11.09
CA PRO A 579 -12.44 -29.91 10.34
C PRO A 579 -12.66 -29.56 8.87
N ILE A 580 -12.92 -28.29 8.60
CA ILE A 580 -13.05 -27.76 7.23
C ILE A 580 -11.91 -26.81 6.96
N LEU A 581 -11.33 -26.92 5.77
CA LEU A 581 -10.34 -25.94 5.33
C LEU A 581 -10.83 -25.19 4.10
N LEU A 582 -10.63 -23.87 4.09
CA LEU A 582 -11.22 -23.02 3.07
C LEU A 582 -10.18 -22.23 2.29
N ALA A 583 -10.18 -22.37 0.96
CA ALA A 583 -9.12 -21.72 0.16
C ALA A 583 -9.63 -20.71 -0.88
N LEU A 584 -9.08 -19.50 -0.81
CA LEU A 584 -9.43 -18.42 -1.72
C LEU A 584 -8.85 -18.64 -3.11
N VAL A 585 -9.51 -18.12 -4.13
CA VAL A 585 -8.94 -18.05 -5.46
C VAL A 585 -9.18 -16.64 -5.95
N ALA A 586 -8.15 -15.80 -5.96
CA ALA A 586 -8.38 -14.36 -6.17
C ALA A 586 -7.79 -13.84 -7.47
N GLY A 587 -7.87 -12.54 -7.66
CA GLY A 587 -7.15 -11.91 -8.76
C GLY A 587 -7.52 -12.41 -10.12
N GLU A 588 -6.54 -12.53 -11.00
CA GLU A 588 -6.79 -12.97 -12.36
C GLU A 588 -7.16 -14.42 -12.35
N ALA A 589 -6.59 -15.14 -11.39
CA ALA A 589 -6.79 -16.57 -11.25
C ALA A 589 -8.26 -16.91 -11.07
N ALA A 590 -8.99 -16.06 -10.34
CA ALA A 590 -10.41 -16.27 -10.01
C ALA A 590 -11.23 -16.63 -11.20
N GLY A 591 -11.16 -15.79 -12.21
CA GLY A 591 -11.96 -15.95 -13.42
C GLY A 591 -11.54 -17.09 -14.32
N ILE A 592 -10.27 -17.47 -14.29
CA ILE A 592 -9.76 -18.56 -15.13
C ILE A 592 -10.04 -19.92 -14.51
N MET A 593 -10.05 -19.98 -13.19
CA MET A 593 -10.36 -21.19 -12.47
C MET A 593 -11.83 -21.58 -12.55
N GLU A 594 -12.67 -20.68 -13.08
CA GLU A 594 -14.09 -21.00 -13.16
C GLU A 594 -14.34 -22.00 -14.26
N ASN A 595 -13.52 -21.93 -15.30
CA ASN A 595 -13.53 -22.88 -16.40
C ASN A 595 -12.77 -24.18 -16.18
N ILE A 596 -12.57 -24.57 -14.93
CA ILE A 596 -11.82 -25.78 -14.59
C ILE A 596 -12.64 -26.66 -13.66
N SER A 597 -12.65 -27.97 -13.94
CA SER A 597 -13.41 -28.96 -13.16
C SER A 597 -13.12 -28.94 -11.66
N ASP A 598 -14.12 -29.29 -10.86
CA ASP A 598 -13.98 -29.33 -9.41
C ASP A 598 -12.84 -30.26 -8.97
N ASP A 599 -12.70 -31.39 -9.65
CA ASP A 599 -11.64 -32.36 -9.33
C ASP A 599 -10.25 -31.74 -9.46
N VAL A 600 -9.91 -31.24 -10.64
CA VAL A 600 -8.64 -30.57 -10.87
C VAL A 600 -8.35 -29.56 -9.76
N ILE A 601 -9.35 -28.77 -9.38
CA ILE A 601 -9.17 -27.73 -8.37
C ILE A 601 -8.82 -28.36 -7.01
N VAL A 602 -9.65 -29.29 -6.57
CA VAL A 602 -9.39 -29.96 -5.30
C VAL A 602 -8.05 -30.73 -5.37
N GLY A 603 -7.63 -31.09 -6.58
CA GLY A 603 -6.32 -31.70 -6.83
C GLY A 603 -5.24 -30.76 -6.35
N ARG A 604 -5.09 -29.63 -7.06
CA ARG A 604 -4.08 -28.63 -6.75
C ARG A 604 -4.13 -28.20 -5.29
N CYS A 605 -5.33 -28.22 -4.72
CA CYS A 605 -5.51 -27.96 -3.30
C CYS A 605 -4.77 -28.94 -2.41
N LEU A 606 -4.95 -30.23 -2.69
CA LEU A 606 -4.33 -31.27 -1.90
C LEU A 606 -2.83 -31.21 -2.09
N ALA A 607 -2.40 -31.20 -3.35
CA ALA A 607 -1.02 -30.96 -3.73
C ALA A 607 -0.37 -29.93 -2.79
N ILE A 608 -0.90 -28.72 -2.79
CA ILE A 608 -0.35 -27.65 -1.97
C ILE A 608 -0.29 -28.04 -0.49
N LEU A 609 -1.39 -28.52 0.05
CA LEU A 609 -1.46 -28.93 1.46
C LEU A 609 -0.45 -30.02 1.85
N LYS A 610 -0.25 -31.00 0.96
CA LYS A 610 0.78 -32.04 1.13
C LYS A 610 2.14 -31.37 1.27
N GLY A 611 2.51 -30.59 0.26
CA GLY A 611 3.67 -29.72 0.33
C GLY A 611 3.85 -29.10 1.71
N ILE A 612 2.80 -28.49 2.25
CA ILE A 612 2.97 -27.78 3.52
C ILE A 612 3.07 -28.73 4.72
N PHE A 613 2.38 -29.87 4.65
CA PHE A 613 2.13 -30.64 5.88
C PHE A 613 2.69 -32.04 5.88
N GLY A 614 3.11 -32.50 4.71
CA GLY A 614 3.62 -33.85 4.57
C GLY A 614 2.66 -34.72 3.79
N SER A 615 3.20 -35.34 2.75
CA SER A 615 2.48 -36.19 1.79
C SER A 615 1.55 -37.29 2.36
N SER A 616 1.41 -37.36 3.68
CA SER A 616 0.56 -38.38 4.27
C SER A 616 -0.02 -37.96 5.62
N ALA A 617 -0.02 -36.66 5.89
CA ALA A 617 -0.87 -36.10 6.95
C ALA A 617 -2.22 -35.62 6.34
N VAL A 618 -2.28 -35.61 5.00
CA VAL A 618 -3.35 -34.99 4.20
C VAL A 618 -4.26 -36.06 3.53
N PRO A 619 -5.36 -36.44 4.21
CA PRO A 619 -6.20 -37.52 3.68
C PRO A 619 -6.97 -37.11 2.45
N GLN A 620 -7.80 -37.99 1.93
CA GLN A 620 -8.76 -37.58 0.91
C GLN A 620 -9.88 -36.78 1.57
N PRO A 621 -10.38 -35.72 0.88
CA PRO A 621 -11.46 -34.90 1.45
C PRO A 621 -12.80 -35.60 1.31
N LYS A 622 -13.55 -35.67 2.41
CA LYS A 622 -14.84 -36.35 2.45
C LYS A 622 -15.89 -35.64 1.58
N GLU A 623 -15.99 -34.32 1.75
CA GLU A 623 -16.89 -33.44 0.95
C GLU A 623 -16.15 -32.19 0.45
N THR A 624 -16.39 -31.82 -0.80
CA THR A 624 -15.78 -30.63 -1.40
C THR A 624 -16.77 -29.79 -2.21
N VAL A 625 -16.70 -28.46 -2.06
CA VAL A 625 -17.50 -27.52 -2.88
C VAL A 625 -16.64 -26.44 -3.52
N VAL A 626 -17.03 -25.99 -4.72
CA VAL A 626 -16.33 -24.85 -5.33
C VAL A 626 -17.29 -23.79 -5.87
N SER A 627 -17.21 -22.58 -5.33
CA SER A 627 -18.01 -21.45 -5.79
C SER A 627 -17.60 -20.96 -7.19
N ARG A 628 -18.58 -20.61 -8.01
CA ARG A 628 -18.30 -19.89 -9.27
C ARG A 628 -19.18 -18.64 -9.42
N TRP A 629 -18.80 -17.56 -8.74
CA TRP A 629 -19.65 -16.40 -8.70
C TRP A 629 -19.78 -15.71 -10.05
N ARG A 630 -18.76 -15.70 -10.88
CA ARG A 630 -18.90 -14.92 -12.10
C ARG A 630 -19.93 -15.56 -13.00
N ALA A 631 -20.15 -16.85 -12.83
CA ALA A 631 -20.96 -17.57 -13.78
C ALA A 631 -22.37 -17.70 -13.30
N ASP A 632 -22.52 -17.66 -11.96
CA ASP A 632 -23.82 -17.61 -11.29
C ASP A 632 -24.65 -16.49 -11.87
N PRO A 633 -25.72 -16.82 -12.59
CA PRO A 633 -26.54 -15.82 -13.28
C PRO A 633 -27.27 -14.81 -12.39
N TRP A 634 -27.41 -15.06 -11.09
CA TRP A 634 -28.06 -14.15 -10.16
C TRP A 634 -27.08 -13.30 -9.33
N ALA A 635 -25.84 -13.25 -9.80
CA ALA A 635 -24.79 -12.52 -9.12
C ALA A 635 -23.93 -11.94 -10.21
N ARG A 636 -23.40 -12.81 -11.06
CA ARG A 636 -22.56 -12.39 -12.20
C ARG A 636 -21.27 -11.76 -11.70
N GLY A 637 -20.78 -12.25 -10.57
CA GLY A 637 -19.70 -11.61 -9.85
C GLY A 637 -19.86 -11.72 -8.34
N SER A 638 -18.96 -11.11 -7.59
CA SER A 638 -18.91 -11.31 -6.18
C SER A 638 -19.19 -10.08 -5.36
N TYR A 639 -18.48 -8.98 -5.58
CA TYR A 639 -18.91 -7.66 -5.08
C TYR A 639 -18.22 -6.52 -5.77
N SER A 640 -18.61 -5.28 -5.52
CA SER A 640 -18.17 -4.21 -6.37
C SER A 640 -16.86 -3.63 -5.89
N TYR A 641 -16.12 -3.00 -6.80
CA TYR A 641 -14.92 -2.27 -6.48
C TYR A 641 -14.88 -0.91 -7.21
N VAL A 642 -14.10 0.07 -6.74
CA VAL A 642 -14.03 1.36 -7.44
C VAL A 642 -13.11 1.12 -8.62
N ALA A 643 -13.66 0.98 -9.82
CA ALA A 643 -12.77 0.74 -10.96
C ALA A 643 -12.05 2.01 -11.35
N ALA A 644 -10.94 1.86 -12.06
CA ALA A 644 -10.26 2.99 -12.65
C ALA A 644 -11.25 3.71 -13.55
N GLY A 645 -11.44 5.00 -13.31
CA GLY A 645 -12.35 5.81 -14.12
C GLY A 645 -13.65 6.10 -13.38
N SER A 646 -13.88 5.37 -12.29
CA SER A 646 -15.05 5.60 -11.46
C SER A 646 -14.59 6.36 -10.23
N SER A 647 -15.44 6.43 -9.23
CA SER A 647 -15.14 7.15 -8.01
C SER A 647 -16.25 6.81 -7.06
N GLY A 648 -16.26 7.41 -5.89
CA GLY A 648 -17.23 6.98 -4.89
C GLY A 648 -18.53 7.62 -5.23
N ASN A 649 -18.46 8.59 -6.10
CA ASN A 649 -19.61 9.35 -6.34
C ASN A 649 -20.60 8.54 -7.18
N ASP A 650 -20.10 7.58 -7.95
CA ASP A 650 -20.92 6.73 -8.82
C ASP A 650 -21.84 5.92 -7.98
N TYR A 651 -21.35 5.52 -6.80
CA TYR A 651 -22.17 4.82 -5.82
C TYR A 651 -23.37 5.65 -5.39
N ASP A 652 -23.22 6.97 -5.42
CA ASP A 652 -24.34 7.83 -5.11
C ASP A 652 -25.31 7.86 -6.25
N LEU A 653 -24.82 8.09 -7.47
CA LEU A 653 -25.66 7.91 -8.64
C LEU A 653 -26.46 6.61 -8.60
N MET A 654 -25.84 5.49 -8.24
CA MET A 654 -26.61 4.25 -8.13
C MET A 654 -27.76 4.33 -7.19
N ALA A 655 -27.62 5.05 -6.08
CA ALA A 655 -28.70 5.04 -5.10
C ALA A 655 -29.86 6.00 -5.39
N GLN A 656 -29.67 6.96 -6.31
CA GLN A 656 -30.70 7.93 -6.72
C GLN A 656 -31.92 7.27 -7.36
N PRO A 657 -33.13 7.53 -6.83
CA PRO A 657 -34.34 6.95 -7.39
C PRO A 657 -34.70 7.46 -8.79
N ILE A 658 -35.54 6.74 -9.51
CA ILE A 658 -35.98 7.14 -10.85
C ILE A 658 -37.45 7.62 -10.90
N THR A 659 -37.66 8.78 -11.52
CA THR A 659 -38.99 9.37 -11.62
C THR A 659 -39.43 9.35 -13.07
N PRO A 660 -40.55 8.65 -13.37
CA PRO A 660 -41.06 8.54 -14.74
C PRO A 660 -41.50 9.89 -15.27
N GLY A 661 -41.59 10.05 -16.59
CA GLY A 661 -42.25 11.22 -17.18
C GLY A 661 -43.76 11.20 -16.93
N PRO A 662 -44.46 12.31 -17.18
CA PRO A 662 -45.90 12.28 -16.90
C PRO A 662 -46.65 11.49 -17.97
N SER A 663 -47.87 11.05 -17.65
CA SER A 663 -48.70 10.30 -18.62
C SER A 663 -49.26 11.23 -19.68
N ILE A 664 -50.30 12.01 -19.33
CA ILE A 664 -50.80 13.12 -20.16
C ILE A 664 -49.77 14.24 -20.12
N PRO A 665 -49.24 14.67 -21.29
CA PRO A 665 -48.29 15.79 -21.19
C PRO A 665 -48.92 17.06 -20.58
N GLY A 666 -48.08 17.84 -19.92
CA GLY A 666 -48.52 19.00 -19.14
C GLY A 666 -49.18 18.63 -17.82
N ALA A 667 -49.05 17.41 -17.38
CA ALA A 667 -49.54 17.07 -16.07
C ALA A 667 -48.38 17.29 -15.10
N PRO A 668 -48.68 17.53 -13.79
CA PRO A 668 -47.66 17.81 -12.80
C PRO A 668 -46.61 16.73 -12.72
N GLN A 669 -45.40 17.15 -12.32
CA GLN A 669 -44.28 16.26 -12.01
C GLN A 669 -44.64 15.08 -11.06
N PRO A 670 -44.32 13.85 -11.50
CA PRO A 670 -44.66 12.73 -10.63
C PRO A 670 -43.69 12.48 -9.42
N ILE A 671 -44.25 11.97 -8.33
CA ILE A 671 -43.63 10.98 -7.46
C ILE A 671 -42.57 10.13 -8.19
N PRO A 672 -41.47 9.76 -7.50
CA PRO A 672 -40.50 8.79 -7.98
C PRO A 672 -40.94 7.37 -7.66
N ARG A 673 -40.67 6.45 -8.59
CA ARG A 673 -41.31 5.15 -8.59
C ARG A 673 -40.34 3.99 -8.45
N LEU A 674 -39.16 4.14 -9.07
CA LEU A 674 -38.13 3.09 -9.07
C LEU A 674 -36.99 3.44 -8.12
N PHE A 675 -36.80 2.61 -7.10
CA PHE A 675 -35.78 2.84 -6.06
C PHE A 675 -34.63 1.80 -6.05
N PHE A 676 -33.47 2.14 -5.50
CA PHE A 676 -32.34 1.19 -5.52
C PHE A 676 -31.65 0.98 -4.20
N ALA A 677 -31.42 -0.28 -3.84
CA ALA A 677 -30.58 -0.58 -2.71
C ALA A 677 -29.56 -1.63 -3.10
N GLY A 678 -28.63 -1.90 -2.21
CA GLY A 678 -27.68 -2.96 -2.47
C GLY A 678 -26.29 -2.44 -2.22
N GLU A 679 -25.40 -3.38 -1.92
CA GLU A 679 -23.99 -3.17 -1.75
C GLU A 679 -23.40 -2.17 -2.75
N HIS A 680 -23.80 -2.20 -4.01
CA HIS A 680 -23.30 -1.25 -4.98
C HIS A 680 -23.88 0.16 -4.83
N THR A 681 -24.70 0.40 -3.80
CA THR A 681 -25.36 1.73 -3.67
C THR A 681 -24.97 2.51 -2.42
N ILE A 682 -24.22 1.87 -1.53
CA ILE A 682 -23.78 2.57 -0.32
C ILE A 682 -22.29 2.97 -0.35
N ARG A 683 -22.04 4.15 -0.89
CA ARG A 683 -20.71 4.83 -0.92
C ARG A 683 -19.79 4.58 0.29
N ASN A 684 -20.29 4.78 1.50
CA ASN A 684 -19.46 4.56 2.69
C ASN A 684 -19.30 3.10 3.16
N TYR A 685 -20.02 2.14 2.56
CA TYR A 685 -19.91 0.75 3.01
C TYR A 685 -20.02 -0.26 1.88
N PRO A 686 -19.35 -0.01 0.73
CA PRO A 686 -19.59 -0.91 -0.38
C PRO A 686 -19.13 -2.31 -0.07
N ALA A 687 -19.53 -3.22 -0.93
CA ALA A 687 -19.03 -4.55 -0.95
C ALA A 687 -19.17 -5.30 0.37
N THR A 688 -20.17 -4.99 1.17
CA THR A 688 -20.23 -5.75 2.43
C THR A 688 -21.66 -6.09 2.82
N VAL A 689 -21.82 -6.92 3.85
CA VAL A 689 -23.17 -7.23 4.35
C VAL A 689 -23.74 -6.04 5.06
N HIS A 690 -23.04 -5.53 6.05
CA HIS A 690 -23.58 -4.43 6.80
C HIS A 690 -23.87 -3.29 5.86
N GLY A 691 -23.13 -3.23 4.76
CA GLY A 691 -23.33 -2.18 3.77
C GLY A 691 -24.66 -2.34 3.08
N ALA A 692 -24.98 -3.57 2.66
CA ALA A 692 -26.21 -3.83 1.96
C ALA A 692 -27.36 -3.55 2.91
N LEU A 693 -27.30 -4.21 4.06
CA LEU A 693 -28.21 -3.96 5.16
C LEU A 693 -28.47 -2.47 5.31
N LEU A 694 -27.46 -1.67 5.49
CA LEU A 694 -27.74 -0.25 5.63
C LEU A 694 -28.53 0.36 4.47
N SER A 695 -28.25 -0.07 3.23
CA SER A 695 -28.81 0.57 2.04
C SER A 695 -30.29 0.21 1.97
N GLY A 696 -30.58 -1.04 2.35
CA GLY A 696 -31.95 -1.47 2.59
C GLY A 696 -32.66 -0.50 3.52
N LEU A 697 -32.14 -0.30 4.72
CA LEU A 697 -32.75 0.64 5.65
C LEU A 697 -32.94 1.98 4.97
N ARG A 698 -31.92 2.47 4.26
CA ARG A 698 -31.99 3.79 3.64
C ARG A 698 -33.23 3.89 2.78
N GLU A 699 -33.38 2.97 1.82
CA GLU A 699 -34.49 3.03 0.87
C GLU A 699 -35.81 2.89 1.57
N ALA A 700 -35.97 1.89 2.45
CA ALA A 700 -37.18 1.79 3.25
C ALA A 700 -37.60 3.15 3.77
N GLY A 701 -36.74 3.81 4.51
CA GLY A 701 -37.05 5.18 4.90
C GLY A 701 -37.49 6.10 3.75
N ARG A 702 -36.74 6.13 2.66
CA ARG A 702 -37.02 7.11 1.63
C ARG A 702 -38.36 6.80 0.94
N ILE A 703 -38.67 5.51 0.78
CA ILE A 703 -39.96 5.11 0.25
C ILE A 703 -41.08 5.48 1.22
N ALA A 704 -40.98 5.09 2.49
CA ALA A 704 -42.01 5.48 3.42
C ALA A 704 -42.22 6.99 3.46
N ASP A 705 -41.16 7.77 3.42
CA ASP A 705 -41.33 9.23 3.44
C ASP A 705 -42.17 9.70 2.27
N GLN A 706 -41.97 9.06 1.13
CA GLN A 706 -42.67 9.38 -0.09
C GLN A 706 -44.16 9.00 -0.08
N PHE A 707 -44.48 7.80 0.39
CA PHE A 707 -45.82 7.27 0.24
C PHE A 707 -46.70 7.32 1.47
N LEU A 708 -46.10 7.28 2.65
CA LEU A 708 -46.85 7.45 3.88
C LEU A 708 -46.67 8.85 4.44
N GLY A 709 -45.86 9.68 3.77
CA GLY A 709 -45.67 11.07 4.20
C GLY A 709 -44.86 11.24 5.47
N ALA A 710 -44.31 12.43 5.64
CA ALA A 710 -43.30 12.67 6.66
C ALA A 710 -43.78 13.64 7.74
N MET A 711 -44.61 13.14 8.66
CA MET A 711 -45.26 14.01 9.67
C MET A 711 -44.24 14.78 10.54
N TYR A 712 -43.11 14.11 10.84
CA TYR A 712 -42.04 14.61 11.72
C TYR A 712 -41.19 15.83 11.29
N THR A 713 -41.43 16.39 10.11
CA THR A 713 -40.51 17.43 9.57
C THR A 713 -40.88 18.90 9.87
N LEU A 714 -41.78 19.12 10.83
CA LEU A 714 -42.38 20.44 11.14
C LEU A 714 -41.99 21.04 12.51
N ARG B 4 2.98 14.67 2.56
CA ARG B 4 3.98 15.77 2.42
C ARG B 4 5.28 15.27 1.76
N LYS B 5 5.76 14.12 2.23
CA LYS B 5 6.93 13.44 1.64
C LYS B 5 6.69 11.94 1.62
N PRO B 6 7.40 11.21 0.73
CA PRO B 6 7.30 9.76 0.57
C PRO B 6 7.45 9.02 1.90
N PRO B 7 7.20 7.71 1.91
CA PRO B 7 7.61 6.96 3.10
C PRO B 7 9.12 6.93 3.17
N LYS B 8 9.66 6.62 4.35
CA LYS B 8 11.10 6.65 4.55
C LYS B 8 11.77 5.55 3.75
N GLY B 9 12.65 5.93 2.82
CA GLY B 9 13.38 4.95 1.99
C GLY B 9 12.72 4.61 0.65
N MET B 10 11.54 5.17 0.41
CA MET B 10 10.95 5.13 -0.92
C MET B 10 11.38 6.40 -1.62
N PHE B 11 11.71 6.30 -2.90
CA PHE B 11 12.19 7.46 -3.63
C PHE B 11 11.34 7.72 -4.86
N LEU B 12 10.85 8.96 -4.98
CA LEU B 12 9.84 9.33 -5.97
C LEU B 12 9.85 10.83 -6.24
N SER B 13 10.67 11.27 -7.18
CA SER B 13 10.69 12.68 -7.51
C SER B 13 9.77 12.91 -8.69
N GLN B 14 9.03 14.02 -8.66
CA GLN B 14 8.17 14.41 -9.76
C GLN B 14 8.81 14.06 -11.09
N GLU B 15 10.04 14.56 -11.24
CA GLU B 15 10.89 14.38 -12.42
C GLU B 15 11.08 12.91 -12.87
N ASP B 16 11.33 12.01 -11.93
CA ASP B 16 11.64 10.61 -12.23
C ASP B 16 10.42 9.83 -12.63
N VAL B 17 9.27 10.25 -12.11
CA VAL B 17 8.00 9.63 -12.48
C VAL B 17 7.73 9.90 -13.95
N GLU B 18 7.85 11.17 -14.35
CA GLU B 18 7.63 11.62 -15.72
C GLU B 18 8.55 10.91 -16.73
N ALA B 19 9.73 10.55 -16.26
CA ALA B 19 10.74 9.94 -17.12
C ALA B 19 10.49 8.45 -17.38
N VAL B 20 9.86 7.77 -16.44
CA VAL B 20 9.61 6.33 -16.55
C VAL B 20 8.17 6.09 -16.99
N SER B 21 7.52 7.15 -17.46
CA SER B 21 6.15 7.08 -17.92
C SER B 21 5.97 7.61 -19.36
N ALA B 22 6.91 8.47 -19.79
CA ALA B 22 6.81 9.15 -21.09
C ALA B 22 6.61 8.24 -22.31
N ASN B 23 6.72 6.92 -22.13
CA ASN B 23 6.21 5.95 -23.11
C ASN B 23 6.16 4.50 -22.62
N ALA B 24 5.97 3.57 -23.57
CA ALA B 24 5.68 2.16 -23.30
C ALA B 24 6.86 1.43 -22.66
N THR B 25 8.08 1.77 -23.10
CA THR B 25 9.30 1.11 -22.61
C THR B 25 10.41 2.09 -22.21
N ALA B 26 10.03 3.36 -21.97
CA ALA B 26 10.92 4.31 -21.32
C ALA B 26 11.24 3.81 -19.91
N ALA B 27 10.56 2.74 -19.51
CA ALA B 27 10.84 2.07 -18.26
C ALA B 27 12.12 1.26 -18.39
N THR B 28 12.06 0.19 -19.19
CA THR B 28 13.19 -0.73 -19.35
C THR B 28 14.38 -0.11 -20.07
N THR B 29 14.13 0.88 -20.90
CA THR B 29 15.21 1.64 -21.53
C THR B 29 16.10 2.25 -20.46
N VAL B 30 15.52 3.11 -19.63
CA VAL B 30 16.22 3.79 -18.55
C VAL B 30 16.95 2.82 -17.61
N LEU B 31 16.34 1.68 -17.32
CA LEU B 31 16.98 0.68 -16.48
C LEU B 31 18.08 -0.10 -17.20
N ARG B 32 18.22 0.10 -18.51
CA ARG B 32 19.35 -0.48 -19.24
C ARG B 32 20.49 0.50 -19.41
N GLN B 33 20.22 1.76 -19.72
CA GLN B 33 21.26 2.78 -19.71
C GLN B 33 22.04 2.74 -18.41
N LEU B 34 21.38 2.39 -17.32
CA LEU B 34 22.01 2.26 -16.02
C LEU B 34 22.69 0.90 -15.80
N ASP B 35 22.06 -0.17 -16.27
CA ASP B 35 22.65 -1.51 -16.21
C ASP B 35 23.93 -1.60 -17.01
N MET B 36 24.03 -0.78 -18.05
CA MET B 36 25.24 -0.68 -18.85
C MET B 36 26.21 0.33 -18.26
N GLU B 37 25.74 1.54 -17.96
CA GLU B 37 26.59 2.52 -17.26
C GLU B 37 27.33 1.86 -16.12
N LEU B 38 26.69 0.88 -15.48
CA LEU B 38 27.32 0.15 -14.40
C LEU B 38 28.44 -0.75 -14.92
N VAL B 39 28.10 -1.72 -15.76
CA VAL B 39 29.11 -2.61 -16.37
C VAL B 39 30.36 -1.88 -16.88
N SER B 40 30.14 -0.78 -17.61
CA SER B 40 31.20 0.13 -18.03
C SER B 40 32.09 0.55 -16.86
N VAL B 41 31.52 1.27 -15.90
CA VAL B 41 32.29 1.74 -14.74
C VAL B 41 32.96 0.60 -13.96
N LYS B 42 32.44 -0.61 -14.10
CA LYS B 42 32.99 -1.72 -13.35
C LYS B 42 34.27 -2.23 -13.97
N ARG B 43 34.29 -2.37 -15.30
CA ARG B 43 35.50 -2.77 -16.02
C ARG B 43 36.55 -1.64 -16.04
N GLN B 44 36.09 -0.39 -16.00
CA GLN B 44 36.99 0.73 -15.83
C GLN B 44 37.74 0.58 -14.50
N ILE B 45 37.03 0.19 -13.45
CA ILE B 45 37.68 -0.03 -12.17
C ILE B 45 38.77 -1.09 -12.26
N GLN B 46 38.50 -2.19 -12.94
CA GLN B 46 39.46 -3.28 -13.00
C GLN B 46 40.73 -2.93 -13.78
N ASN B 47 40.53 -2.13 -14.81
CA ASN B 47 41.60 -1.64 -15.64
C ASN B 47 42.58 -0.78 -14.86
N ILE B 48 42.05 0.19 -14.12
CA ILE B 48 42.85 1.05 -13.26
C ILE B 48 43.34 0.33 -12.00
N LYS B 49 42.73 -0.80 -11.66
CA LYS B 49 43.22 -1.65 -10.58
C LYS B 49 44.45 -2.38 -11.09
N GLN B 50 44.37 -2.84 -12.32
CA GLN B 50 45.47 -3.51 -13.03
C GLN B 50 46.68 -2.57 -13.28
N THR B 51 46.41 -1.42 -13.89
CA THR B 51 47.40 -0.36 -13.99
C THR B 51 48.11 -0.10 -12.66
N ASN B 52 47.37 0.26 -11.62
CA ASN B 52 47.95 0.57 -10.31
C ASN B 52 48.67 -0.60 -9.66
N SER B 53 48.36 -1.82 -10.04
CA SER B 53 49.00 -2.98 -9.47
C SER B 53 50.42 -3.13 -10.02
N ALA B 54 50.57 -2.87 -11.32
CA ALA B 54 51.88 -2.90 -11.98
C ALA B 54 52.75 -1.69 -11.64
N LEU B 55 52.14 -0.53 -11.35
CA LEU B 55 52.88 0.63 -10.84
C LEU B 55 53.42 0.40 -9.44
N LYS B 56 52.79 -0.50 -8.70
CA LYS B 56 53.22 -0.82 -7.34
C LYS B 56 54.40 -1.77 -7.35
N GLU B 57 54.42 -2.70 -8.31
CA GLU B 57 55.49 -3.68 -8.39
C GLU B 57 56.84 -3.03 -8.72
N LYS B 58 56.78 -1.90 -9.43
CA LYS B 58 57.96 -1.09 -9.71
C LYS B 58 58.45 -0.33 -8.49
N LEU B 59 57.56 0.00 -7.55
CA LEU B 59 57.99 0.62 -6.32
C LEU B 59 58.40 -0.39 -5.25
N ASP B 60 58.57 -1.65 -5.63
CA ASP B 60 58.84 -2.67 -4.61
C ASP B 60 60.29 -2.58 -4.10
N GLY B 61 60.41 -2.44 -2.79
CA GLY B 61 61.71 -2.23 -2.17
C GLY B 61 61.85 -0.82 -1.61
N GLY B 62 60.89 0.05 -1.97
CA GLY B 62 60.91 1.44 -1.53
C GLY B 62 62.13 2.19 -2.00
N ILE B 63 62.64 3.05 -1.13
CA ILE B 63 63.88 3.75 -1.38
C ILE B 63 64.95 3.38 -0.33
N GLU B 64 64.90 2.14 0.14
CA GLU B 64 65.79 1.71 1.23
C GLU B 64 67.27 1.67 0.85
N PRO B 65 67.59 1.23 -0.38
CA PRO B 65 68.98 1.26 -0.78
C PRO B 65 69.45 2.65 -1.21
N TYR B 66 68.75 3.70 -0.79
CA TYR B 66 69.14 5.04 -1.21
C TYR B 66 69.05 6.05 -0.08
N ARG B 67 68.83 5.57 1.13
CA ARG B 67 68.78 6.47 2.28
C ARG B 67 70.15 6.76 2.85
N LEU B 68 70.38 8.03 3.16
CA LEU B 68 71.66 8.49 3.67
C LEU B 68 71.63 8.70 5.17
N PRO B 69 72.40 7.89 5.92
CA PRO B 69 72.47 7.94 7.37
C PRO B 69 72.36 9.35 7.97
N GLU B 70 71.72 9.42 9.14
CA GLU B 70 71.42 10.66 9.86
C GLU B 70 72.67 11.39 10.40
N VAL B 71 72.98 12.55 9.82
CA VAL B 71 74.12 13.37 10.29
C VAL B 71 73.65 14.30 11.43
N ILE B 72 74.25 14.14 12.60
CA ILE B 72 73.81 14.85 13.82
C ILE B 72 74.85 15.85 14.33
N GLN B 73 74.93 17.02 13.71
CA GLN B 73 76.02 17.94 14.09
C GLN B 73 75.60 19.25 14.75
N LYS B 74 76.49 19.76 15.61
CA LYS B 74 76.20 20.88 16.49
C LYS B 74 76.44 22.24 15.85
N CYS B 75 75.39 23.06 15.83
CA CYS B 75 75.40 24.40 15.26
C CYS B 75 76.50 25.31 15.85
N ASN B 76 77.37 25.82 14.99
CA ASN B 76 78.50 26.68 15.38
C ASN B 76 78.28 28.14 14.94
N ALA B 77 79.06 29.06 15.51
CA ALA B 77 78.89 30.49 15.18
C ALA B 77 80.01 31.09 14.31
N ARG B 78 81.20 30.48 14.34
CA ARG B 78 82.32 30.92 13.51
C ARG B 78 82.26 30.34 12.10
N TRP B 79 82.47 31.22 11.12
CA TRP B 79 82.57 30.85 9.72
C TRP B 79 84.01 30.51 9.31
N THR B 80 84.38 29.23 9.35
CA THR B 80 85.68 28.84 8.80
C THR B 80 85.69 29.23 7.33
N THR B 81 86.87 29.47 6.77
CA THR B 81 86.96 29.87 5.37
C THR B 81 86.36 28.82 4.47
N GLU B 82 86.51 27.55 4.85
CA GLU B 82 85.88 26.44 4.17
C GLU B 82 84.37 26.68 4.04
N GLU B 83 83.73 27.05 5.16
CA GLU B 83 82.29 27.26 5.22
C GLU B 83 81.82 28.49 4.44
N GLN B 84 82.59 29.56 4.47
CA GLN B 84 82.23 30.72 3.68
C GLN B 84 82.15 30.32 2.22
N LEU B 85 83.08 29.47 1.80
CA LEU B 85 83.21 29.05 0.40
C LEU B 85 82.07 28.13 0.01
N LEU B 86 81.79 27.14 0.86
CA LEU B 86 80.59 26.33 0.69
C LEU B 86 79.36 27.24 0.47
N ALA B 87 79.21 28.24 1.33
CA ALA B 87 78.12 29.18 1.27
C ALA B 87 78.03 29.87 -0.07
N VAL B 88 79.07 30.57 -0.47
CA VAL B 88 79.04 31.26 -1.76
C VAL B 88 78.57 30.35 -2.89
N GLN B 89 78.94 29.08 -2.83
CA GLN B 89 78.54 28.14 -3.86
C GLN B 89 77.11 27.73 -3.66
N ALA B 90 76.70 27.56 -2.41
CA ALA B 90 75.33 27.22 -2.04
C ALA B 90 74.39 28.30 -2.56
N ILE B 91 74.85 29.55 -2.52
CA ILE B 91 74.08 30.68 -3.02
C ILE B 91 73.92 30.58 -4.51
N ARG B 92 75.01 30.40 -5.23
CA ARG B 92 74.98 30.32 -6.69
C ARG B 92 74.02 29.26 -7.19
N LYS B 93 73.65 28.32 -6.33
CA LYS B 93 72.92 27.13 -6.74
C LYS B 93 71.56 27.00 -6.04
N TYR B 94 71.27 27.91 -5.12
CA TYR B 94 70.00 27.85 -4.37
C TYR B 94 69.34 29.20 -4.11
N GLY B 95 69.81 30.24 -4.79
CA GLY B 95 69.30 31.60 -4.56
C GLY B 95 69.07 31.99 -3.10
N ARG B 96 67.80 32.11 -2.71
CA ARG B 96 67.42 32.63 -1.38
C ARG B 96 66.89 31.58 -0.40
N ASP B 97 66.83 30.33 -0.87
CA ASP B 97 66.33 29.22 -0.06
C ASP B 97 67.23 28.95 1.16
N PHE B 98 67.10 29.79 2.19
CA PHE B 98 67.98 29.72 3.36
C PHE B 98 68.02 28.34 4.04
N GLN B 99 66.99 27.52 3.84
CA GLN B 99 66.96 26.24 4.51
C GLN B 99 67.99 25.32 3.87
N ALA B 100 67.98 25.28 2.54
CA ALA B 100 68.89 24.48 1.73
C ALA B 100 70.31 24.82 2.07
N ILE B 101 70.68 26.08 1.85
CA ILE B 101 72.00 26.59 2.18
C ILE B 101 72.47 26.12 3.56
N SER B 102 71.65 26.35 4.58
CA SER B 102 71.96 25.93 5.94
C SER B 102 72.25 24.44 6.05
N ASP B 103 71.59 23.64 5.22
CA ASP B 103 71.79 22.19 5.25
C ASP B 103 73.10 21.79 4.57
N VAL B 104 73.36 22.38 3.40
CA VAL B 104 74.58 22.14 2.64
C VAL B 104 75.80 22.44 3.50
N ILE B 105 75.82 23.63 4.11
CA ILE B 105 76.90 24.01 5.01
C ILE B 105 76.98 23.07 6.21
N GLY B 106 75.83 22.61 6.69
CA GLY B 106 75.81 21.62 7.77
C GLY B 106 75.70 22.20 9.17
N ASN B 107 76.59 23.14 9.50
CA ASN B 107 76.65 23.70 10.86
C ASN B 107 76.33 25.19 10.96
N LYS B 108 75.32 25.63 10.23
CA LYS B 108 74.83 27.00 10.38
C LYS B 108 73.31 26.97 10.36
N SER B 109 72.69 27.84 11.14
CA SER B 109 71.23 27.90 11.20
C SER B 109 70.69 28.97 10.26
N VAL B 110 69.45 28.76 9.86
CA VAL B 110 68.76 29.56 8.83
C VAL B 110 68.91 31.08 9.03
N VAL B 111 69.12 31.48 10.28
CA VAL B 111 69.23 32.88 10.65
C VAL B 111 70.67 33.39 10.44
N GLN B 112 71.65 32.58 10.87
CA GLN B 112 73.07 32.89 10.65
C GLN B 112 73.31 33.05 9.17
N VAL B 113 72.72 32.12 8.42
CA VAL B 113 72.74 32.13 6.96
C VAL B 113 72.14 33.43 6.42
N LYS B 114 71.05 33.87 7.05
CA LYS B 114 70.41 35.14 6.67
C LYS B 114 71.35 36.31 6.94
N ASN B 115 71.95 36.31 8.13
CA ASN B 115 72.91 37.34 8.55
C ASN B 115 74.11 37.41 7.64
N PHE B 116 74.62 36.23 7.28
CA PHE B 116 75.73 36.10 6.35
C PHE B 116 75.46 36.94 5.11
N PHE B 117 74.23 36.92 4.63
CA PHE B 117 73.87 37.67 3.43
C PHE B 117 74.18 39.15 3.57
N VAL B 118 74.06 39.63 4.80
CA VAL B 118 74.26 41.04 5.09
C VAL B 118 75.72 41.31 5.38
N ASN B 119 76.31 40.48 6.23
CA ASN B 119 77.69 40.66 6.69
C ASN B 119 78.75 40.63 5.58
N TYR B 120 78.55 39.80 4.58
CA TYR B 120 79.57 39.59 3.57
C TYR B 120 79.17 40.14 2.21
N ARG B 121 77.94 40.60 2.11
CA ARG B 121 77.34 41.17 0.88
C ARG B 121 78.32 41.90 -0.05
N ARG B 122 79.23 42.66 0.54
CA ARG B 122 80.21 43.41 -0.24
C ARG B 122 81.35 42.50 -0.71
N ARG B 123 81.95 41.80 0.25
CA ARG B 123 83.16 41.00 0.06
C ARG B 123 82.96 39.73 -0.79
N PHE B 124 81.75 39.19 -0.82
CA PHE B 124 81.45 38.06 -1.68
C PHE B 124 80.50 38.40 -2.81
N ASN B 125 80.57 39.63 -3.31
CA ASN B 125 79.64 40.16 -4.31
C ASN B 125 78.29 39.43 -4.42
N ILE B 126 77.60 39.25 -3.29
CA ILE B 126 76.38 38.45 -3.25
C ILE B 126 75.28 39.01 -4.16
N ASP B 127 75.35 40.30 -4.43
CA ASP B 127 74.53 40.93 -5.47
C ASP B 127 74.77 40.25 -6.82
N GLU B 128 76.02 40.27 -7.28
CA GLU B 128 76.40 39.61 -8.53
C GLU B 128 76.00 38.14 -8.54
N VAL B 129 76.32 37.44 -7.45
CA VAL B 129 76.02 36.02 -7.34
C VAL B 129 74.53 35.80 -7.50
N LEU B 130 73.74 36.49 -6.68
CA LEU B 130 72.29 36.28 -6.69
C LEU B 130 71.65 36.55 -8.03
N GLN B 131 72.16 37.54 -8.75
CA GLN B 131 71.64 37.86 -10.08
C GLN B 131 72.01 36.81 -11.13
N GLU B 132 73.09 36.06 -10.86
CA GLU B 132 73.46 34.94 -11.72
C GLU B 132 72.64 33.68 -11.44
N TRP B 133 72.09 33.56 -10.23
CA TRP B 133 71.18 32.46 -9.93
C TRP B 133 69.86 32.69 -10.63
N GLU B 134 69.58 33.96 -10.92
CA GLU B 134 68.34 34.37 -11.58
C GLU B 134 68.36 34.06 -13.06
N ALA B 135 69.47 34.37 -13.74
CA ALA B 135 69.60 34.09 -15.18
C ALA B 135 69.44 32.61 -15.57
N GLU B 136 69.15 31.75 -14.59
CA GLU B 136 68.87 30.33 -14.85
C GLU B 136 67.42 29.95 -14.55
N PRO C 1 -13.37 -4.47 -0.35
CA PRO C 1 -12.50 -3.29 -0.25
C PRO C 1 -11.40 -3.48 0.81
N ARG C 2 -10.67 -2.39 1.11
CA ARG C 2 -9.52 -2.48 2.01
C ARG C 2 -9.75 -3.38 3.23
N SER C 3 -10.75 -3.06 4.04
CA SER C 3 -11.01 -3.80 5.27
C SER C 3 -10.98 -5.32 5.19
N PHE C 4 -11.03 -5.88 3.98
CA PHE C 4 -11.10 -7.32 3.86
C PHE C 4 -9.71 -7.92 3.93
N LEU C 5 -8.71 -7.06 3.80
CA LEU C 5 -7.28 -7.43 3.82
C LEU C 5 -6.84 -8.22 5.01
N VAL C 6 -6.17 -9.32 4.72
CA VAL C 6 -5.61 -10.18 5.74
C VAL C 6 -4.31 -9.57 6.23
N ARG C 7 -3.99 -9.74 7.52
CA ARG C 7 -2.72 -9.27 8.08
C ARG C 7 -2.56 -7.74 8.17
N LYS C 8 -3.65 -7.02 8.43
CA LYS C 8 -3.57 -5.56 8.53
C LYS C 8 -2.39 -5.13 9.48
N PRO C 9 -1.70 -4.00 9.18
CA PRO C 9 -0.67 -3.44 10.08
C PRO C 9 -1.25 -2.80 11.35
PA FAD D . -27.51 -9.95 -3.12
O1A FAD D . -26.85 -10.56 -4.34
O2A FAD D . -27.38 -10.70 -1.80
O5B FAD D . -29.09 -9.89 -3.48
C5B FAD D . -29.56 -9.83 -4.82
C4B FAD D . -30.69 -10.83 -4.93
O4B FAD D . -31.33 -10.70 -6.17
C3B FAD D . -30.16 -12.23 -4.87
O3B FAD D . -30.91 -12.86 -3.87
C2B FAD D . -30.40 -12.77 -6.28
O2B FAD D . -30.58 -14.17 -6.33
C1B FAD D . -31.62 -11.98 -6.69
N9A FAD D . -31.78 -11.75 -8.11
C8A FAD D . -30.82 -11.46 -9.05
N7A FAD D . -31.43 -11.27 -10.24
C5A FAD D . -32.78 -11.42 -10.06
C6A FAD D . -33.89 -11.35 -10.92
N6A FAD D . -33.73 -11.49 -12.23
N1A FAD D . -35.14 -11.57 -10.39
C2A FAD D . -35.34 -11.85 -9.06
N3A FAD D . -34.26 -11.91 -8.24
C4A FAD D . -33.00 -11.71 -8.72
N1 FAD D . -19.33 -8.92 2.89
C2 FAD D . -18.90 -8.76 4.19
O2 FAD D . -19.36 -7.85 4.88
N3 FAD D . -17.97 -9.61 4.75
C4 FAD D . -17.47 -10.66 4.01
O4 FAD D . -16.65 -11.44 4.48
C4X FAD D . -17.90 -10.83 2.71
N5 FAD D . -17.37 -11.89 2.00
C5X FAD D . -17.77 -12.10 0.70
C6 FAD D . -17.23 -13.18 0.02
C7 FAD D . -17.63 -13.42 -1.28
C7M FAD D . -17.04 -14.59 -2.02
C8 FAD D . -18.57 -12.60 -1.88
C8M FAD D . -19.02 -12.88 -3.28
C9 FAD D . -19.11 -11.50 -1.19
C9A FAD D . -18.70 -11.25 0.11
N10 FAD D . -19.25 -10.18 0.83
C10 FAD D . -18.83 -9.97 2.13
C1' FAD D . -20.23 -9.27 0.15
C2' FAD D . -21.66 -9.40 0.60
O2' FAD D . -21.94 -10.76 0.44
C3' FAD D . -22.56 -8.63 -0.35
O3' FAD D . -22.19 -7.29 -0.57
C4' FAD D . -23.98 -8.63 0.18
O4' FAD D . -24.31 -9.90 0.69
C5' FAD D . -24.87 -8.22 -0.99
O5' FAD D . -26.24 -8.25 -0.62
P FAD D . -27.23 -7.56 -1.64
O1P FAD D . -28.61 -7.57 -1.02
O2P FAD D . -26.84 -6.15 -2.07
O3P FAD D . -27.11 -8.43 -2.98
#